data_8FW3
#
_entry.id   8FW3
#
_cell.length_a   58.913
_cell.length_b   84.868
_cell.length_c   212.515
_cell.angle_alpha   90.000
_cell.angle_beta   92.251
_cell.angle_gamma   90.000
#
_symmetry.space_group_name_H-M   'I 1 2 1'
#
loop_
_entity.id
_entity.type
_entity.pdbx_description
1 polymer 'HTH-type transcriptional regulator MtrR'
2 non-polymer TESTOSTERONE
3 non-polymer 'PHOSPHATE ION'
4 water water
#
_entity_poly.entity_id   1
_entity_poly.type   'polypeptide(L)'
_entity_poly.pdbx_seq_one_letter_code
;SNA(MSE)RKTKTEALKTKEHL(MSE)LAALETFYRKGIARTSLNEIAQAAGVTRGALYWHFKNKEDLFDALFQRICDDI
ENCIAQDAADAEGGSWTVFRHTLLHFFERLQSNDIHYKFHNILFLKCEHTEQNAAVIAIARKHQAIWREKITAVLTEAVE
NQDLADDLDKETAVIFIKSTLDGLIWRWFSSGESFDLGKTAPRIIGI(MSE)(MSE)DNLENHPCLRRK
;
_entity_poly.pdbx_strand_id   C,D,A,B
#
loop_
_chem_comp.id
_chem_comp.type
_chem_comp.name
_chem_comp.formula
PO4 non-polymer 'PHOSPHATE ION' 'O4 P -3'
TES non-polymer TESTOSTERONE 'C19 H28 O2'
#
# COMPACT_ATOMS: atom_id res chain seq x y z
N LYS A 13 13.89 -25.92 36.04
CA LYS A 13 12.94 -25.81 34.93
C LYS A 13 13.50 -24.94 33.79
N THR A 14 14.64 -25.36 33.24
CA THR A 14 15.43 -24.50 32.36
C THR A 14 15.23 -24.89 30.89
N LYS A 15 14.04 -24.54 30.39
CA LYS A 15 13.83 -24.47 28.95
C LYS A 15 14.65 -23.37 28.30
N GLU A 16 15.33 -22.55 29.12
CA GLU A 16 16.21 -21.52 28.61
C GLU A 16 17.47 -22.12 28.02
N HIS A 17 17.92 -23.26 28.55
CA HIS A 17 19.14 -23.88 28.04
C HIS A 17 18.96 -24.38 26.61
N LEU A 18 17.75 -24.83 26.27
CA LEU A 18 17.49 -25.32 24.92
C LEU A 18 17.36 -24.17 23.92
N MSE A 19 16.92 -23.01 24.36
CA MSE A 19 16.82 -21.86 23.47
C MSE A 19 18.18 -21.36 23.03
O MSE A 19 18.45 -21.18 21.85
CB MSE A 19 16.09 -20.74 24.17
CG MSE A 19 14.67 -20.59 23.72
SE MSE A 19 14.15 -18.90 24.50
CE MSE A 19 13.69 -19.67 26.24
N LEU A 20 19.06 -21.18 24.02
CA LEU A 20 20.42 -20.77 23.79
C LEU A 20 21.22 -21.77 22.97
N ALA A 21 20.86 -23.04 23.00
CA ALA A 21 21.54 -23.99 22.12
C ALA A 21 21.05 -23.84 20.68
N ALA A 22 19.76 -23.60 20.49
CA ALA A 22 19.29 -23.29 19.15
C ALA A 22 19.87 -21.97 18.64
N LEU A 23 19.95 -20.95 19.51
CA LEU A 23 20.55 -19.70 19.09
C LEU A 23 21.98 -19.91 18.61
N GLU A 24 22.77 -20.73 19.31
CA GLU A 24 24.14 -20.97 18.86
C GLU A 24 24.15 -21.70 17.53
N THR A 25 23.21 -22.61 17.31
CA THR A 25 23.30 -23.39 16.10
C THR A 25 22.75 -22.63 14.90
N PHE A 26 21.63 -21.91 15.08
CA PHE A 26 21.18 -20.97 14.06
C PHE A 26 22.28 -19.99 13.69
N TYR A 27 23.00 -19.49 14.69
CA TYR A 27 24.08 -18.55 14.43
C TYR A 27 25.16 -19.18 13.55
N ARG A 28 25.56 -20.41 13.87
CA ARG A 28 26.71 -21.01 13.18
C ARG A 28 26.36 -21.46 11.77
N LYS A 29 25.17 -22.03 11.57
CA LYS A 29 24.84 -22.68 10.30
C LYS A 29 23.65 -22.08 9.58
N GLY A 30 22.95 -21.12 10.17
CA GLY A 30 21.72 -20.62 9.59
C GLY A 30 20.57 -21.52 9.96
N ILE A 31 19.35 -21.02 9.74
CA ILE A 31 18.18 -21.77 10.17
C ILE A 31 17.88 -22.92 9.22
N ALA A 32 18.02 -22.70 7.91
CA ALA A 32 17.68 -23.74 6.94
C ALA A 32 18.44 -25.03 7.23
N ARG A 33 19.74 -24.93 7.51
CA ARG A 33 20.63 -26.07 7.64
C ARG A 33 20.75 -26.57 9.07
N THR A 34 20.02 -25.99 10.01
CA THR A 34 20.01 -26.47 11.39
C THR A 34 18.93 -27.54 11.58
N SER A 35 19.32 -28.71 12.10
CA SER A 35 18.39 -29.80 12.40
C SER A 35 18.14 -29.94 13.90
N LEU A 36 16.95 -30.41 14.24
CA LEU A 36 16.60 -30.71 15.63
C LEU A 36 17.66 -31.56 16.31
N ASN A 37 18.15 -32.60 15.60
CA ASN A 37 19.24 -33.41 16.14
C ASN A 37 20.42 -32.55 16.54
N GLU A 38 20.78 -31.58 15.69
CA GLU A 38 21.93 -30.72 16.01
C GLU A 38 21.69 -29.95 17.31
N ILE A 39 20.50 -29.36 17.45
CA ILE A 39 20.21 -28.55 18.62
C ILE A 39 20.25 -29.40 19.88
N ALA A 40 19.58 -30.56 19.85
CA ALA A 40 19.64 -31.48 20.99
C ALA A 40 21.08 -31.85 21.32
N GLN A 41 21.83 -32.31 20.32
CA GLN A 41 23.23 -32.65 20.53
C GLN A 41 24.00 -31.46 21.11
N ALA A 42 23.74 -30.24 20.61
CA ALA A 42 24.41 -29.05 21.15
C ALA A 42 23.94 -28.76 22.58
N ALA A 43 22.64 -28.85 22.84
CA ALA A 43 22.14 -28.72 24.21
C ALA A 43 22.45 -29.93 25.10
N GLY A 44 23.11 -30.98 24.58
CA GLY A 44 23.45 -32.13 25.40
C GLY A 44 22.25 -32.91 25.94
N VAL A 45 21.14 -32.92 25.23
CA VAL A 45 19.96 -33.66 25.63
C VAL A 45 19.51 -34.56 24.48
N THR A 46 18.52 -35.39 24.78
CA THR A 46 17.91 -36.26 23.80
C THR A 46 16.93 -35.47 22.94
N ARG A 47 16.63 -36.02 21.76
CA ARG A 47 15.56 -35.46 20.96
C ARG A 47 14.27 -35.38 21.75
N GLY A 48 14.01 -36.37 22.60
CA GLY A 48 12.78 -36.37 23.37
C GLY A 48 12.70 -35.26 24.40
N ALA A 49 13.80 -35.03 25.14
CA ALA A 49 13.85 -33.89 26.05
C ALA A 49 13.65 -32.56 25.32
N LEU A 50 14.29 -32.39 24.15
CA LEU A 50 14.05 -31.18 23.39
C LEU A 50 12.58 -31.08 23.00
N TYR A 51 12.00 -32.21 22.60
CA TYR A 51 10.63 -32.17 22.10
C TYR A 51 9.62 -31.76 23.19
N TRP A 52 9.85 -32.16 24.46
CA TRP A 52 8.93 -31.79 25.53
C TRP A 52 8.82 -30.28 25.70
N HIS A 53 9.90 -29.54 25.43
CA HIS A 53 9.92 -28.09 25.55
C HIS A 53 9.62 -27.36 24.24
N PHE A 54 10.02 -27.92 23.10
CA PHE A 54 9.79 -27.27 21.82
C PHE A 54 9.55 -28.33 20.76
N LYS A 55 8.39 -28.27 20.11
CA LYS A 55 8.02 -29.31 19.14
C LYS A 55 8.97 -29.35 17.97
N ASN A 56 9.36 -28.19 17.45
CA ASN A 56 10.16 -28.14 16.22
C ASN A 56 10.87 -26.79 16.13
N LYS A 57 11.55 -26.55 15.01
CA LYS A 57 12.41 -25.38 14.86
C LYS A 57 11.64 -24.07 15.08
N GLU A 58 10.44 -23.96 14.51
CA GLU A 58 9.63 -22.75 14.64
C GLU A 58 9.46 -22.29 16.08
N ASP A 59 9.16 -23.22 17.00
CA ASP A 59 8.86 -22.79 18.37
C ASP A 59 10.13 -22.35 19.08
N LEU A 60 11.25 -22.98 18.79
CA LEU A 60 12.52 -22.42 19.23
C LEU A 60 12.68 -20.99 18.74
N PHE A 61 12.39 -20.75 17.46
CA PHE A 61 12.66 -19.44 16.89
C PHE A 61 11.66 -18.41 17.41
N ASP A 62 10.38 -18.79 17.45
CA ASP A 62 9.34 -17.97 18.06
C ASP A 62 9.68 -17.58 19.50
N ALA A 63 10.22 -18.52 20.27
CA ALA A 63 10.54 -18.22 21.67
C ALA A 63 11.73 -17.27 21.79
N LEU A 64 12.74 -17.44 20.94
CA LEU A 64 13.84 -16.47 20.92
C LEU A 64 13.32 -15.07 20.54
N PHE A 65 12.47 -15.00 19.52
CA PHE A 65 11.82 -13.74 19.15
C PHE A 65 11.09 -13.13 20.34
N GLN A 66 10.35 -13.95 21.11
CA GLN A 66 9.64 -13.46 22.27
C GLN A 66 10.60 -12.94 23.34
N ARG A 67 11.68 -13.68 23.60
CA ARG A 67 12.71 -13.22 24.53
C ARG A 67 13.28 -11.85 24.12
N ILE A 68 13.48 -11.65 22.81
CA ILE A 68 14.01 -10.37 22.35
C ILE A 68 13.00 -9.25 22.60
N CYS A 69 11.75 -9.46 22.15
CA CYS A 69 10.69 -8.47 22.38
C CYS A 69 10.44 -8.23 23.87
N ASP A 70 10.63 -9.24 24.71
CA ASP A 70 10.42 -9.06 26.15
C ASP A 70 11.53 -8.22 26.77
N ASP A 71 12.79 -8.48 26.42
CA ASP A 71 13.89 -7.63 26.88
C ASP A 71 13.64 -6.16 26.51
N ILE A 72 13.13 -5.89 25.31
CA ILE A 72 12.90 -4.51 24.86
C ILE A 72 11.85 -3.84 25.75
N GLU A 73 10.68 -4.47 25.90
CA GLU A 73 9.62 -3.84 26.69
C GLU A 73 9.90 -3.81 28.18
N ASN A 74 10.79 -4.66 28.69
CA ASN A 74 11.25 -4.52 30.07
C ASN A 74 11.95 -3.19 30.27
N CYS A 75 12.96 -2.89 29.43
CA CYS A 75 13.80 -1.71 29.63
C CYS A 75 13.01 -0.41 29.54
N ILE A 76 11.85 -0.44 28.90
CA ILE A 76 10.88 0.64 28.95
C ILE A 76 10.31 0.86 30.36
N GLY A 85 10.87 13.32 30.42
CA GLY A 85 9.77 12.39 30.41
C GLY A 85 8.87 12.59 29.20
N GLY A 86 8.14 11.54 28.81
CA GLY A 86 7.22 11.61 27.69
C GLY A 86 7.28 10.42 26.76
N SER A 87 6.15 10.12 26.12
CA SER A 87 6.08 8.97 25.21
C SER A 87 7.11 9.08 24.09
N TRP A 88 7.18 10.25 23.43
CA TRP A 88 8.11 10.42 22.31
C TRP A 88 9.55 10.35 22.80
N THR A 89 9.83 10.89 23.99
CA THR A 89 11.16 10.79 24.58
C THR A 89 11.52 9.34 24.89
N VAL A 90 10.59 8.59 25.52
CA VAL A 90 10.81 7.18 25.79
C VAL A 90 11.15 6.42 24.51
N PHE A 91 10.41 6.69 23.43
CA PHE A 91 10.70 6.09 22.14
C PHE A 91 12.13 6.37 21.70
N ARG A 92 12.57 7.64 21.80
CA ARG A 92 13.97 7.96 21.47
C ARG A 92 14.91 7.09 22.27
N HIS A 93 14.65 6.99 23.57
CA HIS A 93 15.53 6.22 24.43
C HIS A 93 15.47 4.73 24.08
N THR A 94 14.33 4.26 23.56
CA THR A 94 14.19 2.84 23.24
C THR A 94 15.02 2.47 22.02
N LEU A 95 14.93 3.28 20.97
CA LEU A 95 15.77 3.08 19.79
C LEU A 95 17.25 3.15 20.12
N LEU A 96 17.67 4.16 20.91
CA LEU A 96 19.07 4.27 21.26
C LEU A 96 19.55 3.03 22.01
N HIS A 97 18.83 2.66 23.08
CA HIS A 97 19.21 1.48 23.87
C HIS A 97 19.24 0.22 23.02
N PHE A 98 18.33 0.10 22.05
CA PHE A 98 18.32 -1.03 21.15
C PHE A 98 19.68 -1.24 20.49
N PHE A 99 20.26 -0.17 19.90
CA PHE A 99 21.53 -0.32 19.19
C PHE A 99 22.70 -0.50 20.14
N GLU A 100 22.62 0.07 21.34
CA GLU A 100 23.59 -0.26 22.37
C GLU A 100 23.60 -1.76 22.66
N ARG A 101 22.42 -2.35 22.87
CA ARG A 101 22.33 -3.76 23.24
C ARG A 101 22.73 -4.67 22.09
N LEU A 102 22.47 -4.24 20.85
CA LEU A 102 22.95 -4.98 19.70
C LEU A 102 24.46 -5.18 19.75
N GLN A 103 25.17 -4.28 20.43
CA GLN A 103 26.61 -4.36 20.56
C GLN A 103 27.05 -5.06 21.83
N SER A 104 26.29 -4.95 22.91
CA SER A 104 26.75 -5.35 24.23
C SER A 104 26.04 -6.60 24.77
N ASN A 105 24.95 -7.01 24.14
CA ASN A 105 24.17 -8.16 24.55
C ASN A 105 24.36 -9.24 23.48
N ASP A 106 24.89 -10.39 23.88
CA ASP A 106 25.28 -11.39 22.89
C ASP A 106 24.08 -12.07 22.28
N ILE A 107 23.02 -12.23 23.05
CA ILE A 107 21.79 -12.82 22.53
C ILE A 107 21.14 -11.88 21.51
N HIS A 108 21.04 -10.60 21.85
CA HIS A 108 20.50 -9.64 20.88
C HIS A 108 21.39 -9.55 19.66
N TYR A 109 22.71 -9.59 19.86
CA TYR A 109 23.63 -9.57 18.73
C TYR A 109 23.36 -10.74 17.80
N LYS A 110 23.35 -11.97 18.36
CA LYS A 110 23.25 -13.17 17.52
C LYS A 110 21.86 -13.33 16.93
N PHE A 111 20.84 -12.99 17.69
CA PHE A 111 19.48 -13.12 17.16
C PHE A 111 19.28 -12.25 15.93
N HIS A 112 19.62 -10.95 16.02
CA HIS A 112 19.39 -10.10 14.85
C HIS A 112 20.34 -10.46 13.71
N ASN A 113 21.54 -10.93 14.03
CA ASN A 113 22.41 -11.44 12.98
C ASN A 113 21.76 -12.61 12.24
N ILE A 114 21.08 -13.49 12.99
CA ILE A 114 20.36 -14.58 12.36
C ILE A 114 19.20 -14.04 11.53
N LEU A 115 18.43 -13.12 12.11
CA LEU A 115 17.21 -12.65 11.44
C LEU A 115 17.54 -12.01 10.10
N PHE A 116 18.61 -11.22 10.03
CA PHE A 116 18.94 -10.43 8.85
C PHE A 116 19.85 -11.16 7.87
N LEU A 117 20.70 -12.06 8.35
CA LEU A 117 21.76 -12.66 7.55
C LEU A 117 21.70 -14.18 7.39
N LYS A 118 20.94 -14.91 8.23
CA LYS A 118 20.98 -16.38 8.22
C LYS A 118 19.60 -16.99 8.15
N CYS A 119 18.68 -16.33 7.47
CA CYS A 119 17.29 -16.72 7.43
C CYS A 119 16.76 -16.59 5.99
N GLU A 120 17.28 -17.41 5.09
CA GLU A 120 16.96 -17.25 3.67
C GLU A 120 15.47 -17.45 3.43
N HIS A 121 14.84 -16.52 2.71
CA HIS A 121 13.40 -16.62 2.46
C HIS A 121 13.12 -17.74 1.45
N THR A 122 13.55 -18.93 1.77
CA THR A 122 13.28 -20.15 1.03
C THR A 122 11.98 -20.81 1.53
N GLU A 123 11.56 -21.85 0.81
CA GLU A 123 10.42 -22.63 1.24
C GLU A 123 10.78 -23.61 2.35
N GLN A 124 12.07 -23.89 2.56
CA GLN A 124 12.47 -24.63 3.75
C GLN A 124 12.19 -23.83 5.01
N ASN A 125 12.38 -22.51 4.97
CA ASN A 125 12.17 -21.66 6.13
C ASN A 125 10.79 -21.05 6.16
N ALA A 126 9.85 -21.54 5.34
CA ALA A 126 8.53 -20.91 5.26
C ALA A 126 7.87 -20.71 6.63
N ALA A 127 7.97 -21.70 7.52
CA ALA A 127 7.29 -21.54 8.79
C ALA A 127 8.04 -20.62 9.74
N VAL A 128 9.37 -20.64 9.72
CA VAL A 128 10.12 -19.63 10.45
C VAL A 128 9.78 -18.23 9.93
N ILE A 129 9.63 -18.08 8.62
CA ILE A 129 9.39 -16.72 8.10
C ILE A 129 7.99 -16.23 8.44
N ALA A 130 7.00 -17.13 8.47
CA ALA A 130 5.68 -16.76 8.99
C ALA A 130 5.77 -16.31 10.45
N ILE A 131 6.58 -16.99 11.26
CA ILE A 131 6.78 -16.55 12.64
C ILE A 131 7.28 -15.12 12.66
N ALA A 132 8.39 -14.87 11.93
CA ALA A 132 8.99 -13.54 11.91
C ALA A 132 7.97 -12.49 11.45
N ARG A 133 7.23 -12.78 10.39
CA ARG A 133 6.17 -11.88 9.97
C ARG A 133 5.17 -11.62 11.09
N LYS A 134 4.95 -12.60 11.97
CA LYS A 134 4.00 -12.38 13.06
C LYS A 134 4.51 -11.32 14.02
N HIS A 135 5.77 -11.41 14.42
CA HIS A 135 6.32 -10.36 15.28
C HIS A 135 6.44 -9.02 14.56
N GLN A 136 6.66 -9.02 13.23
CA GLN A 136 6.70 -7.77 12.47
C GLN A 136 5.39 -6.98 12.62
N ALA A 137 4.26 -7.68 12.64
CA ALA A 137 2.95 -7.02 12.72
C ALA A 137 2.66 -6.52 14.13
N ILE A 138 3.08 -7.27 15.15
CA ILE A 138 3.10 -6.77 16.52
C ILE A 138 3.88 -5.47 16.59
N TRP A 139 5.13 -5.50 16.11
CA TRP A 139 5.97 -4.31 16.16
C TRP A 139 5.35 -3.16 15.39
N ARG A 140 4.75 -3.43 14.22
CA ARG A 140 4.06 -2.37 13.50
C ARG A 140 3.00 -1.72 14.36
N GLU A 141 2.29 -2.54 15.16
CA GLU A 141 1.23 -2.06 16.04
C GLU A 141 1.78 -1.19 17.16
N LYS A 142 2.84 -1.65 17.83
CA LYS A 142 3.47 -0.83 18.85
C LYS A 142 3.94 0.50 18.27
N ILE A 143 4.39 0.52 17.01
CA ILE A 143 4.83 1.77 16.41
C ILE A 143 3.64 2.67 16.11
N THR A 144 2.58 2.10 15.52
CA THR A 144 1.38 2.89 15.23
C THR A 144 0.79 3.50 16.49
N ALA A 145 0.91 2.80 17.61
CA ALA A 145 0.42 3.36 18.86
C ALA A 145 1.30 4.52 19.34
N VAL A 146 2.62 4.33 19.28
CA VAL A 146 3.52 5.40 19.68
C VAL A 146 3.27 6.63 18.81
N LEU A 147 3.08 6.41 17.51
CA LEU A 147 2.83 7.53 16.61
C LEU A 147 1.52 8.24 16.96
N THR A 148 0.50 7.49 17.39
CA THR A 148 -0.78 8.11 17.72
C THR A 148 -0.66 8.90 19.03
N GLU A 149 -0.09 8.29 20.07
CA GLU A 149 0.16 9.00 21.31
C GLU A 149 0.97 10.28 21.08
N ALA A 150 1.91 10.25 20.14
CA ALA A 150 2.73 11.42 19.85
C ALA A 150 1.94 12.50 19.13
N VAL A 151 1.05 12.11 18.21
CA VAL A 151 0.14 13.08 17.61
C VAL A 151 -0.69 13.76 18.69
N GLU A 152 -1.25 12.97 19.62
CA GLU A 152 -2.09 13.50 20.68
C GLU A 152 -1.33 14.42 21.61
N ASN A 153 -0.08 14.07 21.95
CA ASN A 153 0.70 14.93 22.83
C ASN A 153 1.27 16.16 22.11
N GLN A 154 1.10 16.26 20.79
CA GLN A 154 1.55 17.37 19.95
C GLN A 154 3.03 17.27 19.57
N ASP A 155 3.62 16.08 19.70
CA ASP A 155 5.00 15.88 19.23
C ASP A 155 5.05 15.72 17.72
N LEU A 156 3.97 15.22 17.11
CA LEU A 156 3.90 15.07 15.67
C LEU A 156 2.66 15.79 15.16
N ALA A 157 2.68 16.13 13.87
CA ALA A 157 1.61 16.92 13.28
C ALA A 157 0.36 16.08 13.07
N ASP A 158 -0.80 16.75 13.04
CA ASP A 158 -2.06 16.01 12.95
C ASP A 158 -2.23 15.36 11.59
N ASP A 159 -1.66 15.94 10.55
CA ASP A 159 -1.70 15.36 9.22
C ASP A 159 -0.51 14.43 8.94
N LEU A 160 0.11 13.88 9.99
CA LEU A 160 1.17 12.89 9.78
C LEU A 160 0.57 11.68 9.08
N ASP A 161 1.17 11.30 7.95
CA ASP A 161 0.75 10.07 7.30
C ASP A 161 1.33 8.91 8.09
N LYS A 162 0.54 8.40 9.04
CA LYS A 162 1.06 7.43 9.99
C LYS A 162 1.49 6.15 9.28
N GLU A 163 0.76 5.72 8.25
CA GLU A 163 1.09 4.48 7.57
C GLU A 163 2.45 4.58 6.88
N THR A 164 2.71 5.70 6.19
CA THR A 164 4.03 5.81 5.58
C THR A 164 5.10 6.08 6.64
N ALA A 165 4.75 6.74 7.75
CA ALA A 165 5.68 6.88 8.86
C ALA A 165 6.12 5.53 9.42
N VAL A 166 5.20 4.56 9.52
CA VAL A 166 5.57 3.26 10.07
C VAL A 166 6.59 2.58 9.16
N ILE A 167 6.33 2.62 7.84
CA ILE A 167 7.29 2.11 6.85
C ILE A 167 8.60 2.86 6.94
N PHE A 168 8.53 4.19 7.10
CA PHE A 168 9.73 5.01 7.22
C PHE A 168 10.54 4.59 8.43
N ILE A 169 9.90 4.43 9.58
CA ILE A 169 10.65 4.06 10.77
C ILE A 169 11.30 2.69 10.59
N LYS A 170 10.53 1.72 10.08
CA LYS A 170 11.05 0.35 9.97
C LYS A 170 12.22 0.27 8.98
N SER A 171 12.08 0.91 7.81
CA SER A 171 13.14 0.97 6.79
C SER A 171 14.42 1.58 7.34
N THR A 172 14.30 2.69 8.06
CA THR A 172 15.46 3.37 8.60
C THR A 172 16.26 2.45 9.52
N LEU A 173 15.57 1.85 10.50
CA LEU A 173 16.21 0.94 11.46
C LEU A 173 16.69 -0.33 10.79
N ASP A 174 15.87 -0.93 9.94
CA ASP A 174 16.28 -2.11 9.19
C ASP A 174 17.54 -1.84 8.38
N GLY A 175 17.64 -0.67 7.74
CA GLY A 175 18.81 -0.38 6.91
C GLY A 175 20.10 -0.24 7.70
N LEU A 176 20.03 0.37 8.89
CA LEU A 176 21.22 0.48 9.73
C LEU A 176 21.66 -0.90 10.20
N ILE A 177 20.72 -1.72 10.67
CA ILE A 177 21.05 -3.06 11.11
C ILE A 177 21.63 -3.86 9.95
N TRP A 178 20.91 -3.87 8.81
CA TRP A 178 21.37 -4.63 7.67
C TRP A 178 22.74 -4.15 7.23
N ARG A 179 22.93 -2.83 7.15
CA ARG A 179 24.21 -2.27 6.75
C ARG A 179 25.32 -2.70 7.70
N TRP A 180 25.08 -2.59 9.02
CA TRP A 180 26.11 -2.91 9.99
C TRP A 180 26.48 -4.40 9.94
N PHE A 181 25.48 -5.29 9.91
CA PHE A 181 25.79 -6.73 9.86
C PHE A 181 26.39 -7.10 8.51
N SER A 182 25.77 -6.64 7.41
CA SER A 182 26.16 -7.18 6.11
C SER A 182 27.54 -6.70 5.72
N SER A 183 28.00 -5.58 6.25
CA SER A 183 29.33 -5.08 6.01
C SER A 183 30.38 -5.68 6.93
N GLY A 184 30.01 -6.66 7.75
CA GLY A 184 30.94 -7.15 8.76
C GLY A 184 31.26 -6.12 9.82
N GLU A 185 30.27 -5.33 10.24
CA GLU A 185 30.45 -4.36 11.32
C GLU A 185 31.62 -3.42 11.04
N SER A 186 31.74 -2.96 9.80
CA SER A 186 32.91 -2.16 9.48
C SER A 186 32.83 -0.71 10.00
N PHE A 187 31.76 -0.28 10.67
CA PHE A 187 31.71 1.09 11.17
C PHE A 187 31.26 1.09 12.63
N ASP A 188 31.47 2.23 13.29
CA ASP A 188 31.22 2.37 14.73
C ASP A 188 29.73 2.64 14.94
N LEU A 189 28.99 1.57 15.25
CA LEU A 189 27.54 1.70 15.47
C LEU A 189 27.23 2.67 16.61
N GLY A 190 28.08 2.76 17.63
CA GLY A 190 27.82 3.67 18.74
C GLY A 190 27.86 5.13 18.34
N LYS A 191 28.70 5.47 17.35
CA LYS A 191 28.76 6.81 16.78
C LYS A 191 27.63 7.03 15.78
N THR A 192 27.37 6.00 14.96
CA THR A 192 26.53 6.12 13.78
C THR A 192 25.05 6.02 14.13
N ALA A 193 24.68 5.18 15.10
CA ALA A 193 23.26 4.96 15.38
C ALA A 193 22.56 6.21 15.91
N PRO A 194 23.10 6.95 16.89
CA PRO A 194 22.40 8.19 17.33
C PRO A 194 22.18 9.19 16.21
N ARG A 195 23.09 9.28 15.26
CA ARG A 195 22.92 10.23 14.16
C ARG A 195 21.83 9.79 13.20
N ILE A 196 21.76 8.51 12.88
CA ILE A 196 20.66 8.01 12.04
C ILE A 196 19.31 8.21 12.72
N ILE A 197 19.25 7.86 14.00
CA ILE A 197 18.02 8.05 14.78
C ILE A 197 17.69 9.54 14.86
N GLY A 198 18.70 10.38 15.16
CA GLY A 198 18.45 11.82 15.24
C GLY A 198 17.85 12.39 13.97
N ILE A 199 18.37 11.98 12.82
CA ILE A 199 17.84 12.45 11.54
C ILE A 199 16.41 11.97 11.34
N MSE A 200 16.18 10.68 11.52
CA MSE A 200 14.87 10.08 11.29
C MSE A 200 13.80 10.71 12.17
O MSE A 200 12.69 11.01 11.69
CB MSE A 200 14.93 8.58 11.54
CG MSE A 200 13.58 7.93 11.69
SE MSE A 200 13.66 6.14 12.55
CE MSE A 200 13.22 6.79 14.32
N MSE A 201 14.12 10.92 13.45
CA MSE A 201 13.28 11.68 14.39
C MSE A 201 12.93 13.06 13.83
O MSE A 201 11.76 13.45 13.76
CB MSE A 201 14.03 11.85 15.71
CG MSE A 201 14.03 10.70 16.71
SE MSE A 201 12.48 9.54 16.90
CE MSE A 201 12.64 9.42 18.78
N ASP A 202 13.97 13.83 13.43
CA ASP A 202 13.72 15.15 12.84
C ASP A 202 12.82 15.09 11.62
N ASN A 203 13.00 14.08 10.77
CA ASN A 203 12.17 13.98 9.57
C ASN A 203 10.71 13.72 9.93
N LEU A 204 10.46 12.78 10.85
CA LEU A 204 9.10 12.51 11.30
C LEU A 204 8.43 13.76 11.84
N GLU A 205 9.18 14.58 12.58
CA GLU A 205 8.62 15.78 13.17
C GLU A 205 8.38 16.86 12.14
N ASN A 206 9.22 16.95 11.11
CA ASN A 206 9.32 18.17 10.31
C ASN A 206 9.18 17.99 8.81
N HIS A 207 9.48 16.83 8.25
CA HIS A 207 9.56 16.79 6.80
C HIS A 207 8.16 16.75 6.18
N PRO A 208 7.89 17.57 5.15
CA PRO A 208 6.55 17.54 4.54
C PRO A 208 6.23 16.23 3.85
N CYS A 209 7.24 15.55 3.30
CA CYS A 209 6.99 14.29 2.61
C CYS A 209 6.47 13.18 3.53
N LEU A 210 6.34 13.39 4.83
CA LEU A 210 5.81 12.36 5.73
C LEU A 210 4.39 12.66 6.17
N ARG A 211 3.74 13.64 5.53
CA ARG A 211 2.35 13.99 5.80
C ARG A 211 1.47 13.54 4.64
N ARG A 212 0.16 13.63 4.86
CA ARG A 212 -0.78 13.46 3.77
C ARG A 212 -0.89 14.78 3.02
N LYS B 13 26.31 -13.96 -26.05
CA LYS B 13 26.45 -15.26 -26.69
C LYS B 13 25.67 -16.35 -25.93
N THR B 14 26.30 -17.50 -25.75
CA THR B 14 25.75 -18.59 -24.94
C THR B 14 25.96 -18.35 -23.44
N LYS B 15 26.91 -17.48 -23.09
CA LYS B 15 27.06 -17.09 -21.69
C LYS B 15 25.73 -16.57 -21.14
N GLU B 16 24.98 -15.82 -21.96
CA GLU B 16 23.75 -15.17 -21.51
C GLU B 16 22.73 -16.20 -21.02
N HIS B 17 22.53 -17.26 -21.80
CA HIS B 17 21.59 -18.31 -21.39
C HIS B 17 21.98 -18.91 -20.04
N LEU B 18 23.26 -19.27 -19.89
CA LEU B 18 23.73 -19.90 -18.65
C LEU B 18 23.54 -18.99 -17.45
N MSE B 19 23.63 -17.69 -17.67
CA MSE B 19 23.56 -16.71 -16.62
C MSE B 19 22.12 -16.52 -16.15
O MSE B 19 21.86 -16.41 -14.95
CB MSE B 19 24.13 -15.40 -17.15
CG MSE B 19 25.43 -14.94 -16.52
SE MSE B 19 25.69 -13.08 -17.13
CE MSE B 19 26.05 -13.44 -19.02
N LEU B 20 21.18 -16.50 -17.10
CA LEU B 20 19.76 -16.45 -16.74
C LEU B 20 19.33 -17.72 -16.00
N ALA B 21 19.84 -18.88 -16.43
CA ALA B 21 19.49 -20.12 -15.75
C ALA B 21 20.05 -20.15 -14.33
N ALA B 22 21.23 -19.56 -14.12
CA ALA B 22 21.73 -19.42 -12.76
C ALA B 22 20.81 -18.52 -11.95
N LEU B 23 20.38 -17.39 -12.53
CA LEU B 23 19.56 -16.44 -11.80
C LEU B 23 18.23 -17.05 -11.38
N GLU B 24 17.61 -17.82 -12.27
CA GLU B 24 16.37 -18.51 -11.91
C GLU B 24 16.62 -19.50 -10.77
N THR B 25 17.68 -20.30 -10.87
CA THR B 25 17.92 -21.32 -9.86
C THR B 25 18.28 -20.70 -8.51
N PHE B 26 19.06 -19.62 -8.51
CA PHE B 26 19.32 -18.90 -7.26
C PHE B 26 18.03 -18.35 -6.68
N TYR B 27 17.14 -17.89 -7.53
CA TYR B 27 15.89 -17.31 -7.05
C TYR B 27 14.95 -18.39 -6.52
N ARG B 28 14.98 -19.59 -7.11
CA ARG B 28 14.16 -20.68 -6.58
C ARG B 28 14.71 -21.20 -5.27
N LYS B 29 16.00 -21.56 -5.22
CA LYS B 29 16.57 -22.33 -4.12
C LYS B 29 17.53 -21.56 -3.24
N GLY B 30 17.83 -20.30 -3.55
CA GLY B 30 18.88 -19.60 -2.84
C GLY B 30 20.25 -20.02 -3.34
N ILE B 31 21.26 -19.22 -2.96
CA ILE B 31 22.58 -19.47 -3.51
C ILE B 31 23.18 -20.74 -2.91
N ALA B 32 23.02 -20.93 -1.61
CA ALA B 32 23.74 -22.02 -0.94
C ALA B 32 23.28 -23.39 -1.42
N ARG B 33 21.97 -23.58 -1.62
CA ARG B 33 21.49 -24.90 -2.02
C ARG B 33 21.54 -25.13 -3.53
N THR B 34 21.87 -24.11 -4.33
CA THR B 34 22.02 -24.27 -5.78
C THR B 34 23.30 -25.01 -6.12
N SER B 35 23.21 -25.98 -7.02
CA SER B 35 24.38 -26.69 -7.51
C SER B 35 24.69 -26.27 -8.94
N LEU B 36 25.97 -26.35 -9.31
CA LEU B 36 26.37 -26.12 -10.69
C LEU B 36 25.67 -27.10 -11.63
N ASN B 37 25.44 -28.32 -11.14
CA ASN B 37 24.71 -29.32 -11.93
C ASN B 37 23.31 -28.81 -12.28
N GLU B 38 22.60 -28.26 -11.30
CA GLU B 38 21.24 -27.77 -11.56
C GLU B 38 21.23 -26.67 -12.59
N ILE B 39 22.17 -25.73 -12.49
CA ILE B 39 22.25 -24.63 -13.44
C ILE B 39 22.45 -25.17 -14.85
N ALA B 40 23.35 -26.15 -15.01
CA ALA B 40 23.53 -26.78 -16.31
C ALA B 40 22.22 -27.41 -16.78
N GLN B 41 21.58 -28.20 -15.91
CA GLN B 41 20.30 -28.81 -16.23
C GLN B 41 19.29 -27.76 -16.68
N ALA B 42 19.09 -26.73 -15.86
CA ALA B 42 18.14 -25.68 -16.20
C ALA B 42 18.44 -25.03 -17.54
N ALA B 43 19.71 -24.96 -17.92
CA ALA B 43 20.10 -24.25 -19.13
C ALA B 43 20.15 -25.15 -20.35
N GLY B 44 19.99 -26.45 -20.18
CA GLY B 44 20.01 -27.37 -21.31
C GLY B 44 21.38 -27.69 -21.86
N VAL B 45 22.42 -27.59 -21.04
CA VAL B 45 23.79 -27.84 -21.46
C VAL B 45 24.43 -28.88 -20.54
N THR B 46 25.48 -29.52 -21.04
CA THR B 46 26.25 -30.44 -20.25
C THR B 46 27.02 -29.71 -19.16
N ARG B 47 27.49 -30.47 -18.17
CA ARG B 47 28.32 -29.89 -17.12
C ARG B 47 29.59 -29.28 -17.71
N GLY B 48 30.18 -29.93 -18.72
CA GLY B 48 31.43 -29.44 -19.29
C GLY B 48 31.25 -28.20 -20.12
N ALA B 49 30.08 -28.04 -20.76
CA ALA B 49 29.81 -26.83 -21.52
C ALA B 49 29.62 -25.62 -20.60
N LEU B 50 29.08 -25.84 -19.41
CA LEU B 50 28.97 -24.76 -18.44
C LEU B 50 30.36 -24.40 -17.89
N TYR B 51 31.13 -25.42 -17.50
CA TYR B 51 32.41 -25.18 -16.85
C TYR B 51 33.35 -24.37 -17.74
N TRP B 52 33.30 -24.62 -19.05
CA TRP B 52 34.04 -23.81 -20.00
C TRP B 52 33.79 -22.32 -19.79
N HIS B 53 32.51 -21.93 -19.71
CA HIS B 53 32.11 -20.53 -19.63
C HIS B 53 32.20 -19.96 -18.22
N PHE B 54 31.96 -20.78 -17.20
CA PHE B 54 31.89 -20.33 -15.81
C PHE B 54 32.48 -21.41 -14.92
N LYS B 55 33.57 -21.10 -14.21
CA LYS B 55 34.21 -22.18 -13.47
C LYS B 55 33.46 -22.57 -12.21
N ASN B 56 32.63 -21.69 -11.64
CA ASN B 56 31.93 -22.08 -10.42
C ASN B 56 30.74 -21.15 -10.22
N LYS B 57 29.96 -21.46 -9.18
CA LYS B 57 28.79 -20.67 -8.84
C LYS B 57 29.17 -19.22 -8.60
N GLU B 58 30.34 -19.00 -7.99
CA GLU B 58 30.78 -17.64 -7.69
C GLU B 58 30.97 -16.83 -8.96
N ASP B 59 31.48 -17.47 -10.03
CA ASP B 59 31.68 -16.76 -11.28
C ASP B 59 30.35 -16.33 -11.87
N LEU B 60 29.36 -17.24 -11.85
CA LEU B 60 28.01 -16.90 -12.30
C LEU B 60 27.43 -15.73 -11.50
N PHE B 61 27.50 -15.83 -10.17
CA PHE B 61 27.03 -14.72 -9.33
C PHE B 61 27.71 -13.41 -9.72
N ASP B 62 29.04 -13.42 -9.78
CA ASP B 62 29.81 -12.25 -10.18
C ASP B 62 29.35 -11.69 -11.52
N ALA B 63 29.20 -12.58 -12.52
CA ALA B 63 28.66 -12.18 -13.82
C ALA B 63 27.31 -11.49 -13.69
N LEU B 64 26.42 -12.02 -12.85
CA LEU B 64 25.09 -11.39 -12.73
C LEU B 64 25.18 -10.02 -12.08
N PHE B 65 26.00 -9.90 -11.04
CA PHE B 65 26.19 -8.63 -10.37
C PHE B 65 26.74 -7.58 -11.34
N GLN B 66 27.73 -7.96 -12.15
CA GLN B 66 28.28 -7.02 -13.13
C GLN B 66 27.20 -6.56 -14.10
N ARG B 67 26.38 -7.49 -14.59
CA ARG B 67 25.34 -7.11 -15.54
C ARG B 67 24.34 -6.15 -14.91
N ILE B 68 23.98 -6.37 -13.63
CA ILE B 68 23.14 -5.40 -12.94
C ILE B 68 23.86 -4.06 -12.85
N CYS B 69 25.13 -4.09 -12.44
CA CYS B 69 25.87 -2.83 -12.32
C CYS B 69 25.99 -2.13 -13.67
N ASP B 70 26.14 -2.90 -14.77
CA ASP B 70 26.22 -2.31 -16.10
C ASP B 70 24.90 -1.68 -16.51
N ASP B 71 23.77 -2.34 -16.20
CA ASP B 71 22.47 -1.77 -16.54
C ASP B 71 22.31 -0.37 -15.94
N ILE B 72 22.64 -0.23 -14.66
CA ILE B 72 22.45 1.04 -13.97
C ILE B 72 23.34 2.13 -14.58
N GLU B 73 24.62 1.82 -14.74
CA GLU B 73 25.57 2.79 -15.29
C GLU B 73 25.24 3.18 -16.72
N ASN B 74 24.48 2.36 -17.44
CA ASN B 74 24.08 2.75 -18.78
C ASN B 74 23.05 3.87 -18.76
N CYS B 75 22.05 3.77 -17.88
CA CYS B 75 20.92 4.68 -17.87
C CYS B 75 21.23 6.02 -17.23
N ILE B 76 22.31 6.66 -17.65
CA ILE B 76 22.74 7.92 -17.05
C ILE B 76 22.48 9.05 -18.06
N ALA B 77 21.48 9.86 -17.75
CA ALA B 77 21.20 11.11 -18.45
C ALA B 77 20.04 11.77 -17.71
N GLY B 85 18.55 19.87 -13.83
CA GLY B 85 19.90 20.07 -14.36
C GLY B 85 20.96 20.11 -13.28
N GLY B 86 22.08 19.44 -13.52
CA GLY B 86 23.16 19.26 -12.55
C GLY B 86 23.24 17.80 -12.09
N SER B 87 24.47 17.33 -11.84
CA SER B 87 24.70 15.89 -11.67
C SER B 87 24.12 15.36 -10.35
N TRP B 88 24.05 16.20 -9.31
CA TRP B 88 23.30 15.85 -8.11
C TRP B 88 21.84 15.59 -8.43
N THR B 89 21.26 16.33 -9.39
CA THR B 89 19.89 16.03 -9.84
C THR B 89 19.85 14.80 -10.71
N VAL B 90 20.94 14.49 -11.43
CA VAL B 90 21.05 13.18 -12.07
C VAL B 90 21.02 12.06 -11.04
N PHE B 91 21.80 12.20 -9.96
CA PHE B 91 21.77 11.22 -8.87
C PHE B 91 20.34 10.94 -8.43
N ARG B 92 19.54 11.99 -8.22
CA ARG B 92 18.12 11.83 -7.92
C ARG B 92 17.43 10.93 -8.92
N HIS B 93 17.69 11.15 -10.21
CA HIS B 93 17.01 10.41 -11.27
C HIS B 93 17.40 8.94 -11.25
N THR B 94 18.70 8.65 -11.24
CA THR B 94 19.14 7.27 -11.29
C THR B 94 18.64 6.50 -10.08
N LEU B 95 18.58 7.16 -8.92
CA LEU B 95 17.97 6.54 -7.73
C LEU B 95 16.51 6.21 -7.96
N LEU B 96 15.76 7.13 -8.55
CA LEU B 96 14.36 6.83 -8.85
C LEU B 96 14.25 5.72 -9.90
N HIS B 97 15.12 5.76 -10.92
CA HIS B 97 15.12 4.72 -11.93
C HIS B 97 15.46 3.36 -11.35
N PHE B 98 16.34 3.32 -10.34
CA PHE B 98 16.69 2.04 -9.73
C PHE B 98 15.46 1.37 -9.14
N PHE B 99 14.68 2.11 -8.34
CA PHE B 99 13.52 1.54 -7.68
C PHE B 99 12.37 1.29 -8.64
N GLU B 100 12.34 2.00 -9.76
CA GLU B 100 11.38 1.72 -10.82
C GLU B 100 11.78 0.45 -11.58
N ARG B 101 13.07 0.29 -11.86
CA ARG B 101 13.53 -0.93 -12.51
C ARG B 101 13.29 -2.14 -11.59
N LEU B 102 13.46 -1.97 -10.29
CA LEU B 102 13.26 -3.06 -9.35
C LEU B 102 11.85 -3.61 -9.44
N GLN B 103 10.87 -2.74 -9.62
CA GLN B 103 9.48 -3.19 -9.72
C GLN B 103 9.11 -3.69 -11.11
N SER B 104 9.85 -3.30 -12.16
CA SER B 104 9.43 -3.55 -13.52
C SER B 104 10.37 -4.43 -14.34
N ASN B 105 11.63 -4.58 -13.95
CA ASN B 105 12.59 -5.40 -14.68
C ASN B 105 12.79 -6.70 -13.92
N ASP B 106 12.61 -7.83 -14.60
CA ASP B 106 12.58 -9.13 -13.94
C ASP B 106 13.94 -9.57 -13.45
N ILE B 107 14.99 -9.26 -14.21
CA ILE B 107 16.35 -9.60 -13.81
C ILE B 107 16.75 -8.80 -12.57
N HIS B 108 16.47 -7.49 -12.58
CA HIS B 108 16.84 -6.67 -11.42
C HIS B 108 16.03 -7.04 -10.20
N TYR B 109 14.76 -7.44 -10.38
CA TYR B 109 13.94 -7.85 -9.25
C TYR B 109 14.48 -9.13 -8.63
N LYS B 110 14.66 -10.15 -9.46
CA LYS B 110 15.19 -11.42 -9.00
C LYS B 110 16.58 -11.26 -8.38
N PHE B 111 17.47 -10.53 -9.06
CA PHE B 111 18.83 -10.40 -8.52
C PHE B 111 18.84 -9.76 -7.14
N HIS B 112 18.15 -8.64 -6.97
CA HIS B 112 18.19 -8.00 -5.66
C HIS B 112 17.39 -8.81 -4.63
N ASN B 113 16.37 -9.56 -5.06
CA ASN B 113 15.72 -10.50 -4.14
C ASN B 113 16.71 -11.52 -3.61
N ILE B 114 17.49 -12.12 -4.51
CA ILE B 114 18.52 -13.07 -4.10
C ILE B 114 19.54 -12.41 -3.18
N LEU B 115 19.98 -11.19 -3.51
CA LEU B 115 20.99 -10.50 -2.70
C LEU B 115 20.51 -10.29 -1.27
N PHE B 116 19.26 -9.88 -1.10
CA PHE B 116 18.78 -9.52 0.22
C PHE B 116 18.13 -10.68 0.97
N LEU B 117 17.58 -11.66 0.27
CA LEU B 117 16.76 -12.67 0.92
C LEU B 117 17.24 -14.11 0.75
N LYS B 118 18.17 -14.40 -0.15
CA LYS B 118 18.48 -15.79 -0.51
C LYS B 118 19.98 -16.02 -0.54
N CYS B 119 20.71 -15.34 0.35
CA CYS B 119 22.18 -15.31 0.32
C CYS B 119 22.67 -15.33 1.77
N GLU B 120 22.46 -16.46 2.44
CA GLU B 120 22.81 -16.59 3.85
C GLU B 120 24.30 -16.39 4.04
N HIS B 121 24.67 -15.80 5.16
CA HIS B 121 26.08 -15.58 5.47
C HIS B 121 26.65 -16.77 6.24
N THR B 122 26.60 -17.94 5.61
CA THR B 122 27.24 -19.11 6.18
C THR B 122 28.66 -19.24 5.64
N GLU B 123 29.43 -20.14 6.25
CA GLU B 123 30.77 -20.41 5.74
C GLU B 123 30.72 -20.92 4.31
N GLN B 124 29.64 -21.59 3.94
CA GLN B 124 29.53 -22.12 2.59
C GLN B 124 29.40 -21.02 1.54
N ASN B 125 28.80 -19.88 1.89
CA ASN B 125 28.59 -18.82 0.93
C ASN B 125 29.68 -17.77 0.96
N ALA B 126 30.74 -17.99 1.75
CA ALA B 126 31.72 -16.94 2.01
C ALA B 126 32.36 -16.42 0.74
N ALA B 127 32.56 -17.29 -0.25
CA ALA B 127 33.15 -16.82 -1.50
C ALA B 127 32.18 -15.91 -2.24
N VAL B 128 30.89 -16.27 -2.22
CA VAL B 128 29.86 -15.46 -2.82
C VAL B 128 29.73 -14.12 -2.10
N ILE B 129 29.86 -14.12 -0.77
CA ILE B 129 29.79 -12.89 0.00
C ILE B 129 30.97 -11.99 -0.35
N ALA B 130 32.18 -12.56 -0.42
CA ALA B 130 33.35 -11.78 -0.84
C ALA B 130 33.08 -11.05 -2.15
N ILE B 131 32.54 -11.77 -3.15
CA ILE B 131 32.18 -11.15 -4.42
C ILE B 131 31.24 -9.98 -4.21
N ALA B 132 30.23 -10.14 -3.34
CA ALA B 132 29.28 -9.06 -3.09
C ALA B 132 29.96 -7.88 -2.42
N ARG B 133 30.86 -8.14 -1.46
CA ARG B 133 31.63 -7.05 -0.87
C ARG B 133 32.49 -6.33 -1.89
N LYS B 134 33.00 -7.05 -2.91
CA LYS B 134 33.79 -6.35 -3.93
C LYS B 134 32.92 -5.40 -4.74
N HIS B 135 31.68 -5.79 -5.07
CA HIS B 135 30.83 -4.87 -5.81
C HIS B 135 30.35 -3.73 -4.91
N GLN B 136 30.13 -4.00 -3.62
CA GLN B 136 29.81 -2.94 -2.69
C GLN B 136 30.86 -1.84 -2.69
N ALA B 137 32.14 -2.22 -2.72
CA ALA B 137 33.20 -1.23 -2.67
C ALA B 137 33.21 -0.37 -3.93
N ILE B 138 32.97 -0.99 -5.08
CA ILE B 138 32.79 -0.24 -6.32
C ILE B 138 31.69 0.80 -6.15
N TRP B 139 30.57 0.38 -5.58
CA TRP B 139 29.44 1.30 -5.40
C TRP B 139 29.74 2.35 -4.34
N ARG B 140 30.53 2.02 -3.31
CA ARG B 140 30.93 3.02 -2.33
C ARG B 140 31.77 4.11 -2.97
N GLU B 141 32.71 3.74 -3.86
CA GLU B 141 33.51 4.76 -4.54
C GLU B 141 32.66 5.57 -5.52
N LYS B 142 31.73 4.91 -6.22
CA LYS B 142 30.80 5.67 -7.07
C LYS B 142 29.98 6.68 -6.26
N ILE B 143 29.62 6.34 -5.01
CA ILE B 143 28.86 7.29 -4.20
C ILE B 143 29.74 8.45 -3.76
N THR B 144 30.95 8.13 -3.29
CA THR B 144 31.88 9.17 -2.89
C THR B 144 32.13 10.17 -4.02
N ALA B 145 32.21 9.68 -5.26
CA ALA B 145 32.45 10.59 -6.38
C ALA B 145 31.24 11.50 -6.63
N VAL B 146 30.03 10.97 -6.48
CA VAL B 146 28.87 11.81 -6.67
C VAL B 146 28.83 12.90 -5.61
N LEU B 147 29.14 12.54 -4.36
CA LEU B 147 29.16 13.52 -3.28
C LEU B 147 30.22 14.60 -3.53
N THR B 148 31.40 14.22 -4.04
CA THR B 148 32.47 15.19 -4.21
C THR B 148 32.11 16.19 -5.32
N GLU B 149 31.60 15.69 -6.45
CA GLU B 149 31.08 16.56 -7.50
C GLU B 149 30.03 17.53 -6.98
N ALA B 150 29.10 17.04 -6.13
CA ALA B 150 28.04 17.90 -5.62
C ALA B 150 28.56 18.95 -4.66
N VAL B 151 29.61 18.64 -3.91
CA VAL B 151 30.27 19.65 -3.08
C VAL B 151 30.92 20.71 -3.96
N GLU B 152 31.78 20.28 -4.89
CA GLU B 152 32.40 21.20 -5.85
C GLU B 152 31.37 22.07 -6.54
N ASN B 153 30.23 21.49 -6.93
CA ASN B 153 29.12 22.25 -7.50
C ASN B 153 28.41 23.11 -6.46
N GLN B 154 28.61 22.83 -5.17
CA GLN B 154 27.90 23.48 -4.07
C GLN B 154 26.41 23.16 -4.05
N ASP B 155 26.02 21.97 -4.55
CA ASP B 155 24.73 21.40 -4.16
C ASP B 155 24.76 20.86 -2.74
N LEU B 156 25.95 20.51 -2.27
CA LEU B 156 26.18 20.02 -0.91
C LEU B 156 27.21 20.92 -0.26
N ALA B 157 27.04 21.16 1.04
CA ALA B 157 27.98 22.02 1.74
C ALA B 157 29.40 21.44 1.70
N ASP B 158 30.39 22.32 1.53
CA ASP B 158 31.78 21.89 1.54
C ASP B 158 32.13 21.21 2.87
N ASP B 159 31.32 21.45 3.88
CA ASP B 159 31.46 20.93 5.22
C ASP B 159 30.93 19.50 5.35
N LEU B 160 30.31 18.96 4.29
CA LEU B 160 29.64 17.68 4.37
C LEU B 160 30.62 16.59 4.80
N ASP B 161 30.15 15.74 5.73
CA ASP B 161 30.89 14.59 6.22
C ASP B 161 30.69 13.45 5.23
N LYS B 162 31.66 13.24 4.34
CA LYS B 162 31.44 12.35 3.21
C LYS B 162 31.41 10.89 3.65
N GLU B 163 32.27 10.52 4.61
CA GLU B 163 32.30 9.15 5.09
C GLU B 163 30.95 8.77 5.69
N THR B 164 30.45 9.57 6.63
CA THR B 164 29.14 9.30 7.20
C THR B 164 28.05 9.33 6.13
N ALA B 165 28.14 10.29 5.20
CA ALA B 165 27.08 10.42 4.19
C ALA B 165 26.96 9.15 3.36
N VAL B 166 28.08 8.50 3.05
CA VAL B 166 28.04 7.28 2.25
C VAL B 166 27.32 6.18 3.02
N ILE B 167 27.58 6.07 4.32
CA ILE B 167 26.89 5.07 5.13
C ILE B 167 25.41 5.41 5.24
N PHE B 168 25.09 6.68 5.48
CA PHE B 168 23.73 7.18 5.43
C PHE B 168 23.03 6.79 4.12
N ILE B 169 23.67 7.06 2.99
CA ILE B 169 23.00 6.74 1.72
C ILE B 169 22.77 5.23 1.62
N LYS B 170 23.83 4.42 1.77
CA LYS B 170 23.63 2.97 1.64
C LYS B 170 22.62 2.44 2.64
N SER B 171 22.66 2.92 3.87
CA SER B 171 21.78 2.36 4.90
C SER B 171 20.32 2.75 4.64
N THR B 172 20.10 4.00 4.22
CA THR B 172 18.76 4.45 3.83
C THR B 172 18.19 3.60 2.71
N LEU B 173 18.93 3.47 1.61
CA LEU B 173 18.49 2.68 0.46
C LEU B 173 18.37 1.20 0.80
N ASP B 174 19.41 0.61 1.43
CA ASP B 174 19.31 -0.79 1.85
C ASP B 174 18.05 -1.03 2.67
N GLY B 175 17.69 -0.09 3.53
CA GLY B 175 16.55 -0.33 4.41
C GLY B 175 15.24 -0.38 3.66
N LEU B 176 15.07 0.50 2.68
CA LEU B 176 13.90 0.46 1.81
C LEU B 176 13.81 -0.88 1.07
N ILE B 177 14.94 -1.32 0.49
CA ILE B 177 14.96 -2.57 -0.27
C ILE B 177 14.64 -3.74 0.65
N TRP B 178 15.35 -3.83 1.78
CA TRP B 178 15.10 -4.90 2.73
C TRP B 178 13.63 -4.93 3.15
N ARG B 179 13.10 -3.77 3.56
CA ARG B 179 11.70 -3.67 3.95
C ARG B 179 10.76 -4.17 2.86
N TRP B 180 10.98 -3.76 1.62
CA TRP B 180 10.05 -4.13 0.55
C TRP B 180 10.10 -5.63 0.28
N PHE B 181 11.30 -6.20 0.17
CA PHE B 181 11.42 -7.63 -0.12
C PHE B 181 10.97 -8.49 1.06
N SER B 182 11.42 -8.16 2.28
CA SER B 182 11.19 -9.06 3.39
C SER B 182 9.74 -9.03 3.87
N SER B 183 8.99 -7.98 3.54
CA SER B 183 7.58 -7.89 3.88
C SER B 183 6.68 -8.48 2.81
N GLY B 184 7.26 -9.14 1.81
CA GLY B 184 6.47 -9.65 0.69
C GLY B 184 5.93 -8.59 -0.23
N GLU B 185 6.64 -7.47 -0.38
CA GLU B 185 6.24 -6.36 -1.24
C GLU B 185 4.84 -5.88 -0.90
N SER B 186 4.59 -5.71 0.40
CA SER B 186 3.28 -5.33 0.89
C SER B 186 3.06 -3.83 0.91
N PHE B 187 3.80 -3.06 0.11
CA PHE B 187 3.53 -1.64 -0.04
C PHE B 187 4.03 -1.20 -1.41
N ASP B 188 3.48 -0.08 -1.88
CA ASP B 188 3.75 0.45 -3.21
C ASP B 188 5.11 1.12 -3.19
N LEU B 189 6.10 0.46 -3.80
CA LEU B 189 7.44 1.04 -3.93
C LEU B 189 7.44 2.24 -4.85
N GLY B 190 6.51 2.28 -5.81
CA GLY B 190 6.48 3.39 -6.76
C GLY B 190 6.12 4.72 -6.11
N LYS B 191 5.29 4.69 -5.08
CA LYS B 191 4.97 5.89 -4.33
C LYS B 191 5.87 6.10 -3.13
N THR B 192 6.35 5.02 -2.49
CA THR B 192 7.20 5.19 -1.30
C THR B 192 8.60 5.63 -1.68
N ALA B 193 9.21 4.99 -2.67
CA ALA B 193 10.61 5.28 -2.95
C ALA B 193 10.87 6.75 -3.26
N PRO B 194 10.05 7.47 -4.03
CA PRO B 194 10.36 8.90 -4.28
C PRO B 194 10.35 9.74 -3.02
N ARG B 195 9.47 9.42 -2.07
CA ARG B 195 9.44 10.15 -0.81
C ARG B 195 10.70 9.90 0.00
N ILE B 196 11.12 8.63 0.08
CA ILE B 196 12.32 8.26 0.82
C ILE B 196 13.53 8.94 0.23
N ILE B 197 13.66 8.92 -1.10
CA ILE B 197 14.79 9.55 -1.77
C ILE B 197 14.77 11.06 -1.56
N GLY B 198 13.58 11.67 -1.58
CA GLY B 198 13.51 13.11 -1.40
C GLY B 198 13.92 13.53 -0.01
N ILE B 199 13.46 12.79 1.00
CA ILE B 199 13.84 13.09 2.38
C ILE B 199 15.35 12.92 2.54
N MSE B 200 15.88 11.81 2.02
CA MSE B 200 17.30 11.48 2.21
C MSE B 200 18.16 12.58 1.62
O MSE B 200 19.09 13.06 2.25
CB MSE B 200 17.61 10.12 1.57
CG MSE B 200 19.09 9.67 1.66
SE MSE B 200 19.50 8.25 0.39
CE MSE B 200 19.72 9.40 -1.24
N MSE B 201 17.84 13.00 0.40
CA MSE B 201 18.61 14.07 -0.26
C MSE B 201 18.42 15.42 0.40
O MSE B 201 19.35 16.21 0.47
CB MSE B 201 18.27 14.12 -1.74
CG MSE B 201 18.77 12.86 -2.45
SE MSE B 201 18.39 12.90 -4.35
CE MSE B 201 19.94 13.89 -5.01
N ASP B 202 17.23 15.69 0.91
CA ASP B 202 17.07 16.88 1.73
C ASP B 202 18.06 16.86 2.89
N ASN B 203 18.11 15.71 3.60
CA ASN B 203 18.97 15.59 4.77
C ASN B 203 20.42 15.77 4.40
N LEU B 204 20.84 15.19 3.26
CA LEU B 204 22.22 15.34 2.81
C LEU B 204 22.57 16.80 2.55
N GLU B 205 21.64 17.58 2.01
CA GLU B 205 21.94 18.99 1.84
C GLU B 205 21.84 19.80 3.12
N ASN B 206 20.85 19.54 3.99
CA ASN B 206 20.51 20.47 5.05
C ASN B 206 20.78 19.98 6.46
N HIS B 207 20.74 18.67 6.72
CA HIS B 207 20.82 18.25 8.11
C HIS B 207 22.22 18.44 8.67
N PRO B 208 22.38 19.15 9.78
CA PRO B 208 23.72 19.33 10.36
C PRO B 208 24.36 18.05 10.88
N CYS B 209 23.60 16.97 11.13
CA CYS B 209 24.18 15.72 11.59
C CYS B 209 25.08 15.07 10.55
N LEU B 210 25.03 15.54 9.31
CA LEU B 210 25.81 14.98 8.23
C LEU B 210 26.98 15.90 7.86
N ARG B 211 27.27 16.91 8.68
CA ARG B 211 28.44 17.77 8.52
C ARG B 211 29.56 17.36 9.48
N ARG B 212 30.76 17.86 9.21
CA ARG B 212 31.94 17.37 9.92
C ARG B 212 31.98 17.86 11.36
N LYS B 213 31.27 18.93 11.68
CA LYS B 213 31.11 19.36 13.06
C LYS B 213 29.80 20.12 13.24
N LYS C 13 -14.19 16.12 -37.26
CA LYS C 13 -14.87 14.96 -36.69
C LYS C 13 -13.92 13.78 -36.54
N THR C 14 -12.63 14.02 -36.81
CA THR C 14 -11.65 12.96 -36.61
C THR C 14 -11.27 12.80 -35.15
N LYS C 15 -10.86 13.89 -34.48
CA LYS C 15 -10.58 13.83 -33.06
C LYS C 15 -11.80 13.37 -32.28
N GLU C 16 -12.99 13.82 -32.71
CA GLU C 16 -14.22 13.51 -31.98
C GLU C 16 -14.62 12.05 -32.17
N HIS C 17 -14.55 11.54 -33.40
CA HIS C 17 -14.81 10.12 -33.61
C HIS C 17 -13.90 9.27 -32.73
N LEU C 18 -12.62 9.65 -32.63
CA LEU C 18 -11.68 8.92 -31.78
C LEU C 18 -12.11 8.98 -30.32
N MSE C 19 -12.61 10.12 -29.86
CA MSE C 19 -13.02 10.25 -28.47
C MSE C 19 -14.24 9.43 -28.16
O MSE C 19 -14.30 8.79 -27.12
CB MSE C 19 -13.31 11.71 -28.11
CG MSE C 19 -12.10 12.42 -27.55
SE MSE C 19 -12.20 14.34 -27.86
CE MSE C 19 -13.00 14.64 -26.09
N LEU C 20 -15.22 9.45 -29.06
CA LEU C 20 -16.41 8.66 -28.85
C LEU C 20 -16.11 7.17 -28.97
N ALA C 21 -15.18 6.81 -29.86
CA ALA C 21 -14.73 5.43 -29.96
C ALA C 21 -14.10 4.98 -28.64
N ALA C 22 -13.25 5.82 -28.05
CA ALA C 22 -12.64 5.46 -26.78
C ALA C 22 -13.71 5.31 -25.70
N LEU C 23 -14.64 6.26 -25.63
CA LEU C 23 -15.70 6.21 -24.61
C LEU C 23 -16.52 4.93 -24.71
N GLU C 24 -16.88 4.53 -25.92
CA GLU C 24 -17.65 3.31 -26.08
C GLU C 24 -16.82 2.08 -25.73
N THR C 25 -15.54 2.07 -26.09
CA THR C 25 -14.71 0.93 -25.74
C THR C 25 -14.50 0.87 -24.22
N PHE C 26 -14.12 1.99 -23.61
CA PHE C 26 -13.96 2.03 -22.15
C PHE C 26 -15.23 1.55 -21.45
N TYR C 27 -16.39 1.94 -21.96
CA TYR C 27 -17.66 1.51 -21.37
C TYR C 27 -17.83 -0.01 -21.48
N ARG C 28 -17.54 -0.58 -22.65
CA ARG C 28 -17.75 -2.02 -22.83
C ARG C 28 -16.73 -2.83 -22.01
N LYS C 29 -15.44 -2.54 -22.16
CA LYS C 29 -14.39 -3.42 -21.67
C LYS C 29 -13.62 -2.89 -20.46
N GLY C 30 -13.93 -1.68 -19.97
CA GLY C 30 -13.12 -1.07 -18.94
C GLY C 30 -11.87 -0.43 -19.52
N ILE C 31 -11.20 0.36 -18.69
CA ILE C 31 -10.05 1.10 -19.19
C ILE C 31 -8.87 0.17 -19.44
N ALA C 32 -8.51 -0.61 -18.42
CA ALA C 32 -7.27 -1.39 -18.47
C ALA C 32 -7.24 -2.36 -19.65
N ARG C 33 -8.38 -2.97 -19.98
CA ARG C 33 -8.42 -3.96 -21.06
C ARG C 33 -8.58 -3.36 -22.45
N THR C 34 -8.66 -2.02 -22.58
CA THR C 34 -8.77 -1.34 -23.87
C THR C 34 -7.38 -1.02 -24.43
N SER C 35 -7.23 -1.10 -25.76
CA SER C 35 -5.97 -0.78 -26.40
C SER C 35 -6.13 0.38 -27.39
N LEU C 36 -5.06 1.19 -27.46
CA LEU C 36 -5.01 2.26 -28.46
C LEU C 36 -5.42 1.77 -29.84
N ASN C 37 -4.90 0.61 -30.25
CA ASN C 37 -5.15 0.15 -31.61
C ASN C 37 -6.63 -0.20 -31.81
N GLU C 38 -7.29 -0.77 -30.79
CA GLU C 38 -8.70 -1.11 -30.96
C GLU C 38 -9.62 0.12 -30.86
N ILE C 39 -9.22 1.14 -30.09
CA ILE C 39 -9.92 2.42 -30.19
C ILE C 39 -9.87 2.93 -31.63
N ALA C 40 -8.69 2.82 -32.26
CA ALA C 40 -8.55 3.24 -33.65
C ALA C 40 -9.37 2.37 -34.58
N GLN C 41 -9.42 1.05 -34.31
CA GLN C 41 -10.19 0.16 -35.16
C GLN C 41 -11.69 0.44 -35.07
N ALA C 42 -12.14 0.99 -33.95
CA ALA C 42 -13.54 1.37 -33.80
C ALA C 42 -13.84 2.78 -34.31
N ALA C 43 -12.84 3.67 -34.33
CA ALA C 43 -13.06 4.99 -34.89
C ALA C 43 -12.97 5.03 -36.42
N GLY C 44 -12.55 3.93 -37.06
CA GLY C 44 -12.41 3.94 -38.51
C GLY C 44 -11.23 4.75 -38.98
N VAL C 45 -10.10 4.60 -38.30
CA VAL C 45 -8.98 5.55 -38.38
C VAL C 45 -7.69 4.75 -38.20
N THR C 46 -6.72 4.96 -39.09
CA THR C 46 -5.40 4.35 -38.92
C THR C 46 -4.80 4.82 -37.59
N ARG C 47 -3.86 4.06 -37.04
CA ARG C 47 -3.33 4.59 -35.77
C ARG C 47 -2.29 5.69 -35.96
N GLY C 48 -1.77 5.86 -37.17
CA GLY C 48 -1.07 7.09 -37.48
C GLY C 48 -1.94 8.31 -37.26
N ALA C 49 -3.14 8.30 -37.85
CA ALA C 49 -4.14 9.32 -37.53
C ALA C 49 -4.41 9.39 -36.03
N LEU C 50 -4.41 8.25 -35.32
CA LEU C 50 -4.66 8.29 -33.89
C LEU C 50 -3.49 8.94 -33.15
N TYR C 51 -2.27 8.44 -33.37
CA TYR C 51 -1.10 9.06 -32.78
C TYR C 51 -0.96 10.52 -33.21
N TRP C 52 -1.48 10.88 -34.39
CA TRP C 52 -1.55 12.27 -34.80
C TRP C 52 -2.31 13.12 -33.80
N HIS C 53 -3.38 12.58 -33.21
CA HIS C 53 -4.21 13.34 -32.30
C HIS C 53 -3.91 13.07 -30.82
N PHE C 54 -3.43 11.87 -30.48
CA PHE C 54 -3.22 11.50 -29.08
C PHE C 54 -1.94 10.71 -28.95
N LYS C 55 -1.12 11.07 -27.94
CA LYS C 55 0.14 10.36 -27.72
C LYS C 55 -0.08 8.96 -27.16
N ASN C 56 -1.12 8.77 -26.36
CA ASN C 56 -1.30 7.51 -25.64
C ASN C 56 -2.74 7.45 -25.12
N LYS C 57 -3.04 6.37 -24.38
CA LYS C 57 -4.40 6.15 -23.90
C LYS C 57 -4.78 7.14 -22.81
N GLU C 58 -3.88 7.39 -21.86
CA GLU C 58 -4.16 8.37 -20.82
C GLU C 58 -4.53 9.72 -21.44
N ASP C 59 -3.92 10.06 -22.59
CA ASP C 59 -4.20 11.31 -23.28
C ASP C 59 -5.64 11.33 -23.81
N LEU C 60 -6.13 10.21 -24.34
CA LEU C 60 -7.53 10.16 -24.77
C LEU C 60 -8.47 10.29 -23.58
N PHE C 61 -8.10 9.71 -22.45
CA PHE C 61 -8.94 9.77 -21.26
C PHE C 61 -8.97 11.19 -20.71
N ASP C 62 -7.83 11.87 -20.73
CA ASP C 62 -7.79 13.28 -20.35
C ASP C 62 -8.69 14.13 -21.24
N ALA C 63 -8.78 13.78 -22.52
CA ALA C 63 -9.66 14.51 -23.43
C ALA C 63 -11.13 14.31 -23.06
N LEU C 64 -11.50 13.09 -22.72
CA LEU C 64 -12.86 12.81 -22.27
C LEU C 64 -13.19 13.56 -20.98
N PHE C 65 -12.28 13.49 -20.01
CA PHE C 65 -12.49 14.20 -18.76
C PHE C 65 -12.68 15.69 -19.01
N GLN C 66 -11.78 16.28 -19.82
CA GLN C 66 -11.87 17.69 -20.19
C GLN C 66 -13.22 18.01 -20.79
N ARG C 67 -13.69 17.17 -21.72
CA ARG C 67 -14.99 17.39 -22.35
C ARG C 67 -16.13 17.38 -21.33
N ILE C 68 -16.13 16.43 -20.39
CA ILE C 68 -17.15 16.43 -19.35
C ILE C 68 -17.12 17.75 -18.59
N CYS C 69 -15.93 18.16 -18.16
CA CYS C 69 -15.85 19.36 -17.33
C CYS C 69 -16.24 20.60 -18.14
N ASP C 70 -15.80 20.69 -19.40
CA ASP C 70 -16.19 21.83 -20.24
C ASP C 70 -17.70 21.89 -20.40
N ASP C 71 -18.37 20.73 -20.52
CA ASP C 71 -19.82 20.68 -20.62
C ASP C 71 -20.47 21.28 -19.38
N ILE C 72 -20.02 20.85 -18.21
CA ILE C 72 -20.55 21.38 -16.96
C ILE C 72 -20.28 22.88 -16.88
N GLU C 73 -19.02 23.27 -17.07
CA GLU C 73 -18.64 24.66 -16.94
C GLU C 73 -19.32 25.54 -17.99
N ASN C 74 -19.40 25.06 -19.24
CA ASN C 74 -20.00 25.84 -20.32
C ASN C 74 -21.52 25.91 -20.22
N CYS C 75 -22.06 25.53 -19.07
CA CYS C 75 -23.48 25.67 -18.76
C CYS C 75 -23.73 26.67 -17.64
N ILE C 76 -22.69 27.19 -16.98
CA ILE C 76 -22.88 27.94 -15.75
C ILE C 76 -23.46 29.32 -16.05
N ALA C 77 -22.99 29.95 -17.14
CA ALA C 77 -23.60 31.19 -17.58
C ALA C 77 -25.10 31.01 -17.73
N GLN C 78 -25.52 29.85 -18.23
CA GLN C 78 -26.96 29.59 -18.41
C GLN C 78 -27.64 29.27 -17.09
N ASP C 79 -26.98 28.50 -16.19
CA ASP C 79 -27.58 28.19 -14.91
C ASP C 79 -27.78 29.42 -14.04
N ALA C 80 -27.22 30.56 -14.43
CA ALA C 80 -27.26 31.78 -13.64
C ALA C 80 -28.38 32.70 -14.12
N GLY C 86 -27.25 34.99 -6.86
CA GLY C 86 -25.82 34.93 -6.55
C GLY C 86 -25.19 33.54 -6.71
N SER C 87 -23.96 33.41 -6.21
CA SER C 87 -23.14 32.25 -6.46
C SER C 87 -23.70 30.98 -5.79
N TRP C 88 -24.18 31.09 -4.55
CA TRP C 88 -24.70 29.92 -3.86
C TRP C 88 -25.91 29.33 -4.57
N THR C 89 -26.82 30.19 -5.05
CA THR C 89 -27.91 29.74 -5.91
C THR C 89 -27.40 29.04 -7.17
N VAL C 90 -26.43 29.66 -7.87
CA VAL C 90 -25.87 29.09 -9.10
C VAL C 90 -25.35 27.67 -8.85
N PHE C 91 -24.60 27.48 -7.75
CA PHE C 91 -24.14 26.15 -7.34
C PHE C 91 -25.28 25.14 -7.24
N ARG C 92 -26.36 25.53 -6.56
CA ARG C 92 -27.54 24.68 -6.46
C ARG C 92 -28.02 24.22 -7.82
N HIS C 93 -28.09 25.16 -8.76
CA HIS C 93 -28.58 24.83 -10.09
C HIS C 93 -27.61 23.90 -10.80
N THR C 94 -26.31 24.20 -10.68
CA THR C 94 -25.27 23.37 -11.27
C THR C 94 -25.31 21.94 -10.73
N LEU C 95 -25.35 21.78 -9.42
CA LEU C 95 -25.53 20.45 -8.85
C LEU C 95 -26.77 19.76 -9.41
N LEU C 96 -27.93 20.44 -9.36
CA LEU C 96 -29.15 19.83 -9.87
C LEU C 96 -29.00 19.48 -11.35
N HIS C 97 -28.47 20.41 -12.16
CA HIS C 97 -28.26 20.15 -13.57
C HIS C 97 -27.30 18.97 -13.79
N PHE C 98 -26.29 18.80 -12.92
CA PHE C 98 -25.39 17.66 -13.06
C PHE C 98 -26.17 16.35 -13.11
N PHE C 99 -27.06 16.14 -12.15
CA PHE C 99 -27.75 14.85 -12.06
C PHE C 99 -28.79 14.66 -13.15
N GLU C 100 -29.41 15.74 -13.64
CA GLU C 100 -30.27 15.61 -14.81
C GLU C 100 -29.47 15.17 -16.03
N ARG C 101 -28.28 15.74 -16.22
CA ARG C 101 -27.45 15.40 -17.36
C ARG C 101 -26.98 13.95 -17.28
N LEU C 102 -26.72 13.45 -16.07
CA LEU C 102 -26.32 12.05 -15.88
C LEU C 102 -27.33 11.09 -16.51
N GLN C 103 -28.61 11.44 -16.51
CA GLN C 103 -29.59 10.53 -17.08
C GLN C 103 -29.92 10.84 -18.53
N SER C 104 -29.90 12.10 -18.94
CA SER C 104 -30.37 12.48 -20.27
C SER C 104 -29.28 12.50 -21.32
N ASN C 105 -28.02 12.67 -20.91
CA ASN C 105 -26.89 12.81 -21.82
C ASN C 105 -26.05 11.53 -21.76
N ASP C 106 -26.03 10.80 -22.87
CA ASP C 106 -25.40 9.47 -22.88
C ASP C 106 -23.90 9.57 -22.65
N ILE C 107 -23.27 10.65 -23.11
CA ILE C 107 -21.83 10.80 -22.92
C ILE C 107 -21.49 11.01 -21.46
N HIS C 108 -22.31 11.80 -20.76
CA HIS C 108 -22.07 12.00 -19.34
C HIS C 108 -22.40 10.74 -18.54
N TYR C 109 -23.44 10.00 -18.95
CA TYR C 109 -23.77 8.75 -18.26
C TYR C 109 -22.63 7.76 -18.37
N LYS C 110 -22.19 7.49 -19.61
CA LYS C 110 -21.14 6.52 -19.82
C LYS C 110 -19.83 6.95 -19.18
N PHE C 111 -19.50 8.24 -19.24
CA PHE C 111 -18.24 8.68 -18.65
C PHE C 111 -18.21 8.44 -17.16
N HIS C 112 -19.25 8.87 -16.44
CA HIS C 112 -19.22 8.68 -15.00
C HIS C 112 -19.40 7.21 -14.62
N ASN C 113 -20.14 6.45 -15.42
CA ASN C 113 -20.17 5.00 -15.28
C ASN C 113 -18.76 4.41 -15.33
N ILE C 114 -17.97 4.79 -16.35
CA ILE C 114 -16.59 4.34 -16.46
C ILE C 114 -15.77 4.78 -15.25
N LEU C 115 -15.90 6.06 -14.89
CA LEU C 115 -15.09 6.61 -13.80
C LEU C 115 -15.32 5.86 -12.49
N PHE C 116 -16.56 5.49 -12.20
CA PHE C 116 -16.87 4.89 -10.91
C PHE C 116 -16.80 3.37 -10.93
N LEU C 117 -16.95 2.74 -12.09
CA LEU C 117 -17.20 1.31 -12.17
C LEU C 117 -16.36 0.56 -13.18
N LYS C 118 -15.55 1.23 -14.02
CA LYS C 118 -14.78 0.50 -15.03
C LYS C 118 -13.36 1.01 -15.13
N CYS C 119 -12.79 1.41 -14.02
CA CYS C 119 -11.50 2.06 -13.96
C CYS C 119 -10.79 1.54 -12.72
N GLU C 120 -10.38 0.27 -12.75
CA GLU C 120 -9.79 -0.36 -11.58
C GLU C 120 -8.46 0.30 -11.20
N HIS C 121 -8.26 0.47 -9.90
CA HIS C 121 -7.04 1.09 -9.36
C HIS C 121 -5.91 0.06 -9.25
N THR C 122 -5.48 -0.43 -10.40
CA THR C 122 -4.35 -1.35 -10.51
C THR C 122 -3.14 -0.60 -11.07
N GLU C 123 -1.98 -1.28 -11.09
CA GLU C 123 -0.80 -0.64 -11.65
C GLU C 123 -0.97 -0.41 -13.14
N GLN C 124 -1.65 -1.33 -13.83
CA GLN C 124 -1.94 -1.15 -15.26
C GLN C 124 -2.58 0.22 -15.56
N ASN C 125 -3.50 0.66 -14.70
CA ASN C 125 -4.25 1.90 -14.91
C ASN C 125 -3.62 3.09 -14.20
N ALA C 126 -2.39 2.95 -13.71
CA ALA C 126 -1.81 4.02 -12.89
C ALA C 126 -1.85 5.38 -13.59
N ALA C 127 -1.67 5.41 -14.90
CA ALA C 127 -1.51 6.69 -15.59
C ALA C 127 -2.84 7.40 -15.72
N VAL C 128 -3.92 6.66 -16.00
CA VAL C 128 -5.19 7.35 -16.14
C VAL C 128 -5.70 7.79 -14.78
N ILE C 129 -5.32 7.08 -13.71
CA ILE C 129 -5.75 7.44 -12.37
C ILE C 129 -5.10 8.74 -11.91
N ALA C 130 -3.85 8.99 -12.33
CA ALA C 130 -3.24 10.30 -12.08
C ALA C 130 -3.96 11.41 -12.85
N ILE C 131 -4.46 11.10 -14.04
CA ILE C 131 -5.22 12.11 -14.76
C ILE C 131 -6.54 12.39 -14.06
N ALA C 132 -7.24 11.34 -13.62
CA ALA C 132 -8.46 11.54 -12.83
C ALA C 132 -8.16 12.39 -11.60
N ARG C 133 -7.07 12.08 -10.90
CA ARG C 133 -6.76 12.81 -9.68
C ARG C 133 -6.50 14.27 -9.96
N LYS C 134 -5.91 14.61 -11.12
CA LYS C 134 -5.66 16.01 -11.48
C LYS C 134 -6.96 16.75 -11.75
N HIS C 135 -7.88 16.17 -12.52
CA HIS C 135 -9.17 16.83 -12.68
C HIS C 135 -9.91 16.97 -11.36
N GLN C 136 -9.72 16.04 -10.43
CA GLN C 136 -10.36 16.16 -9.12
C GLN C 136 -9.77 17.31 -8.32
N ALA C 137 -8.46 17.49 -8.37
CA ALA C 137 -7.84 18.63 -7.69
C ALA C 137 -8.39 19.94 -8.23
N ILE C 138 -8.64 19.99 -9.54
CA ILE C 138 -9.21 21.18 -10.14
C ILE C 138 -10.63 21.40 -9.63
N TRP C 139 -11.41 20.32 -9.53
CA TRP C 139 -12.76 20.44 -9.01
C TRP C 139 -12.74 20.82 -7.55
N ARG C 140 -11.73 20.38 -6.81
CA ARG C 140 -11.65 20.68 -5.40
C ARG C 140 -11.41 22.17 -5.17
N GLU C 141 -10.55 22.77 -5.98
CA GLU C 141 -10.28 24.20 -5.84
C GLU C 141 -11.47 25.03 -6.28
N LYS C 142 -12.19 24.58 -7.31
CA LYS C 142 -13.41 25.28 -7.70
C LYS C 142 -14.45 25.23 -6.58
N ILE C 143 -14.58 24.10 -5.87
CA ILE C 143 -15.53 24.07 -4.76
C ILE C 143 -15.10 25.07 -3.69
N THR C 144 -13.82 25.01 -3.32
CA THR C 144 -13.28 25.90 -2.31
C THR C 144 -13.59 27.36 -2.63
N ALA C 145 -13.56 27.73 -3.91
CA ALA C 145 -13.86 29.12 -4.28
C ALA C 145 -15.34 29.43 -4.19
N VAL C 146 -16.21 28.46 -4.51
CA VAL C 146 -17.64 28.68 -4.33
C VAL C 146 -17.95 28.90 -2.85
N LEU C 147 -17.35 28.08 -1.98
CA LEU C 147 -17.56 28.27 -0.55
C LEU C 147 -17.04 29.64 -0.09
N THR C 148 -15.90 30.07 -0.65
CA THR C 148 -15.32 31.37 -0.28
C THR C 148 -16.21 32.53 -0.71
N GLU C 149 -16.71 32.52 -1.95
CA GLU C 149 -17.69 33.55 -2.32
C GLU C 149 -18.97 33.42 -1.50
N ALA C 150 -19.37 32.22 -1.10
CA ALA C 150 -20.61 32.08 -0.35
C ALA C 150 -20.48 32.59 1.08
N VAL C 151 -19.34 32.39 1.74
CA VAL C 151 -19.19 33.00 3.06
C VAL C 151 -19.08 34.52 2.93
N GLU C 152 -18.47 35.02 1.85
CA GLU C 152 -18.44 36.46 1.65
C GLU C 152 -19.85 37.04 1.56
N ASN C 153 -20.74 36.39 0.81
CA ASN C 153 -22.12 36.86 0.66
C ASN C 153 -23.01 36.52 1.85
N GLN C 154 -22.43 35.96 2.92
CA GLN C 154 -23.17 35.55 4.11
C GLN C 154 -24.18 34.44 3.81
N ASP C 155 -24.01 33.69 2.72
CA ASP C 155 -24.79 32.47 2.53
C ASP C 155 -24.29 31.35 3.42
N LEU C 156 -23.02 31.40 3.81
CA LEU C 156 -22.41 30.45 4.70
C LEU C 156 -21.74 31.20 5.84
N ALA C 157 -21.66 30.56 7.00
CA ALA C 157 -21.14 31.21 8.19
C ALA C 157 -19.64 31.47 8.06
N ASP C 158 -19.18 32.54 8.70
CA ASP C 158 -17.78 32.96 8.59
C ASP C 158 -16.84 31.94 9.21
N ASP C 159 -17.34 31.05 10.09
CA ASP C 159 -16.51 30.03 10.70
C ASP C 159 -16.71 28.65 10.09
N LEU C 160 -17.32 28.57 8.90
CA LEU C 160 -17.40 27.30 8.20
C LEU C 160 -16.00 26.73 8.01
N ASP C 161 -15.86 25.44 8.26
CA ASP C 161 -14.60 24.73 8.05
C ASP C 161 -14.58 24.30 6.59
N LYS C 162 -13.93 25.09 5.74
CA LYS C 162 -13.94 24.84 4.30
C LYS C 162 -13.23 23.53 3.94
N GLU C 163 -12.22 23.14 4.73
CA GLU C 163 -11.56 21.87 4.47
C GLU C 163 -12.53 20.71 4.63
N THR C 164 -13.19 20.63 5.78
CA THR C 164 -14.23 19.62 5.98
C THR C 164 -15.34 19.74 4.93
N ALA C 165 -15.78 20.97 4.63
CA ALA C 165 -16.96 21.16 3.78
C ALA C 165 -16.75 20.56 2.40
N VAL C 166 -15.52 20.65 1.86
CA VAL C 166 -15.29 20.13 0.51
C VAL C 166 -15.26 18.61 0.52
N ILE C 167 -14.68 18.00 1.54
CA ILE C 167 -14.78 16.55 1.66
C ILE C 167 -16.24 16.14 1.80
N PHE C 168 -16.99 16.86 2.65
CA PHE C 168 -18.41 16.61 2.83
C PHE C 168 -19.15 16.62 1.49
N ILE C 169 -18.97 17.71 0.74
CA ILE C 169 -19.62 17.86 -0.57
C ILE C 169 -19.26 16.71 -1.50
N LYS C 170 -17.96 16.39 -1.60
CA LYS C 170 -17.54 15.35 -2.54
C LYS C 170 -18.04 13.98 -2.10
N SER C 171 -17.95 13.68 -0.80
CA SER C 171 -18.43 12.39 -0.30
C SER C 171 -19.93 12.25 -0.56
N THR C 172 -20.69 13.33 -0.26
CA THR C 172 -22.13 13.29 -0.45
C THR C 172 -22.47 13.02 -1.91
N LEU C 173 -21.79 13.70 -2.83
CA LEU C 173 -22.14 13.57 -4.25
C LEU C 173 -21.61 12.25 -4.81
N ASP C 174 -20.34 11.92 -4.52
CA ASP C 174 -19.81 10.61 -4.90
C ASP C 174 -20.73 9.48 -4.44
N GLY C 175 -21.25 9.57 -3.22
CA GLY C 175 -22.10 8.51 -2.70
C GLY C 175 -23.35 8.29 -3.51
N LEU C 176 -24.04 9.38 -3.87
CA LEU C 176 -25.24 9.25 -4.68
C LEU C 176 -24.92 8.63 -6.03
N ILE C 177 -23.83 9.06 -6.65
CA ILE C 177 -23.49 8.52 -7.96
C ILE C 177 -23.15 7.05 -7.85
N TRP C 178 -22.28 6.68 -6.89
CA TRP C 178 -21.92 5.28 -6.70
C TRP C 178 -23.16 4.44 -6.41
N ARG C 179 -24.02 4.93 -5.51
CA ARG C 179 -25.25 4.19 -5.18
C ARG C 179 -26.13 3.98 -6.41
N TRP C 180 -26.34 5.03 -7.19
CA TRP C 180 -27.18 4.93 -8.39
C TRP C 180 -26.62 3.90 -9.38
N PHE C 181 -25.33 4.02 -9.72
CA PHE C 181 -24.74 3.13 -10.71
C PHE C 181 -24.69 1.71 -10.18
N SER C 182 -24.24 1.55 -8.94
CA SER C 182 -23.95 0.22 -8.43
C SER C 182 -25.23 -0.56 -8.17
N SER C 183 -26.31 0.12 -7.82
CA SER C 183 -27.63 -0.49 -7.78
C SER C 183 -28.20 -0.79 -9.18
N GLY C 184 -27.50 -0.40 -10.24
CA GLY C 184 -28.04 -0.57 -11.58
C GLY C 184 -29.16 0.40 -11.87
N GLU C 185 -29.04 1.64 -11.39
CA GLU C 185 -30.01 2.70 -11.64
C GLU C 185 -31.42 2.28 -11.22
N SER C 186 -31.53 1.66 -10.05
CA SER C 186 -32.83 1.13 -9.65
C SER C 186 -33.70 2.12 -8.90
N PHE C 187 -33.23 3.34 -8.61
CA PHE C 187 -34.14 4.36 -8.08
C PHE C 187 -34.17 5.58 -8.99
N ASP C 188 -35.18 6.42 -8.78
CA ASP C 188 -35.40 7.61 -9.60
C ASP C 188 -34.44 8.70 -9.16
N LEU C 189 -33.34 8.84 -9.90
CA LEU C 189 -32.39 9.92 -9.65
C LEU C 189 -33.05 11.29 -9.76
N GLY C 190 -34.00 11.44 -10.67
CA GLY C 190 -34.72 12.70 -10.79
C GLY C 190 -35.45 13.10 -9.52
N LYS C 191 -35.94 12.12 -8.75
CA LYS C 191 -36.60 12.44 -7.51
C LYS C 191 -35.63 12.46 -6.34
N THR C 192 -34.57 11.65 -6.40
CA THR C 192 -33.68 11.48 -5.25
C THR C 192 -32.60 12.55 -5.17
N ALA C 193 -31.99 12.90 -6.30
CA ALA C 193 -30.93 13.90 -6.32
C ALA C 193 -31.32 15.22 -5.64
N PRO C 194 -32.47 15.85 -5.95
CA PRO C 194 -32.80 17.13 -5.26
C PRO C 194 -32.92 16.98 -3.76
N ARG C 195 -33.44 15.86 -3.27
CA ARG C 195 -33.55 15.69 -1.82
C ARG C 195 -32.17 15.55 -1.18
N ILE C 196 -31.32 14.69 -1.75
CA ILE C 196 -29.94 14.57 -1.29
C ILE C 196 -29.23 15.92 -1.33
N ILE C 197 -29.38 16.67 -2.44
CA ILE C 197 -28.73 17.98 -2.54
C ILE C 197 -29.32 18.94 -1.51
N GLY C 198 -30.65 18.96 -1.38
CA GLY C 198 -31.28 19.82 -0.38
C GLY C 198 -30.74 19.60 1.01
N ILE C 199 -30.63 18.35 1.44
CA ILE C 199 -30.14 18.04 2.78
C ILE C 199 -28.69 18.51 2.96
N MSE C 200 -27.83 18.14 2.02
CA MSE C 200 -26.42 18.54 2.02
C MSE C 200 -26.27 20.07 2.12
O MSE C 200 -25.48 20.60 2.91
CB MSE C 200 -25.72 18.06 0.74
CG MSE C 200 -24.26 18.47 0.65
SE MSE C 200 -23.53 18.04 -1.10
CE MSE C 200 -24.27 19.74 -1.89
N MSE C 201 -27.03 20.77 1.27
CA MSE C 201 -26.96 22.23 1.16
C MSE C 201 -27.29 22.83 2.52
O MSE C 201 -26.59 23.72 3.02
CB MSE C 201 -27.98 22.76 0.17
CG MSE C 201 -27.65 22.81 -1.27
SE MSE C 201 -25.91 23.27 -1.92
CE MSE C 201 -26.71 24.27 -3.33
N ASP C 202 -28.38 22.30 3.09
CA ASP C 202 -28.86 22.77 4.37
C ASP C 202 -27.89 22.44 5.51
N ASN C 203 -27.25 21.27 5.45
CA ASN C 203 -26.23 20.95 6.43
C ASN C 203 -25.05 21.92 6.33
N LEU C 204 -24.64 22.25 5.10
CA LEU C 204 -23.55 23.21 4.94
C LEU C 204 -23.93 24.55 5.54
N GLU C 205 -25.18 24.97 5.34
CA GLU C 205 -25.64 26.27 5.83
C GLU C 205 -25.77 26.30 7.35
N ASN C 206 -26.25 25.22 7.96
CA ASN C 206 -26.74 25.32 9.33
C ASN C 206 -26.07 24.38 10.32
N HIS C 207 -25.59 23.20 9.89
CA HIS C 207 -25.21 22.17 10.85
C HIS C 207 -23.96 22.56 11.63
N PRO C 208 -23.98 22.50 12.95
CA PRO C 208 -22.81 22.96 13.72
C PRO C 208 -21.56 22.16 13.45
N CYS C 209 -21.68 20.89 13.04
CA CYS C 209 -20.49 20.05 12.97
C CYS C 209 -19.61 20.36 11.77
N LEU C 210 -20.06 21.24 10.89
CA LEU C 210 -19.24 21.72 9.79
C LEU C 210 -18.52 23.02 10.10
N ARG C 211 -18.66 23.54 11.34
CA ARG C 211 -17.96 24.73 11.78
C ARG C 211 -16.57 24.39 12.29
N ARG C 212 -15.61 25.27 12.02
CA ARG C 212 -14.24 25.08 12.50
C ARG C 212 -14.08 25.57 13.94
N LYS D 13 -12.16 -25.27 9.29
CA LYS D 13 -11.16 -24.33 8.78
C LYS D 13 -10.22 -25.00 7.77
N THR D 14 -9.05 -24.37 7.56
CA THR D 14 -8.16 -24.55 6.42
C THR D 14 -8.74 -23.82 5.20
N LYS D 15 -10.07 -23.82 5.10
CA LYS D 15 -10.74 -22.95 4.15
C LYS D 15 -10.40 -21.49 4.43
N GLU D 16 -10.18 -21.15 5.71
CA GLU D 16 -9.74 -19.81 6.07
C GLU D 16 -8.45 -19.45 5.37
N HIS D 17 -7.58 -20.43 5.13
CA HIS D 17 -6.31 -20.18 4.47
C HIS D 17 -6.49 -19.86 3.00
N LEU D 18 -7.42 -20.55 2.33
CA LEU D 18 -7.60 -20.32 0.91
C LEU D 18 -8.24 -18.97 0.65
N MSE D 19 -9.10 -18.53 1.57
CA MSE D 19 -9.75 -17.23 1.47
C MSE D 19 -8.80 -16.07 1.59
O MSE D 19 -8.93 -15.08 0.85
CB MSE D 19 -10.78 -17.08 2.55
CG MSE D 19 -12.06 -17.77 2.28
SE MSE D 19 -13.22 -17.15 3.71
CE MSE D 19 -13.06 -18.70 4.80
N LEU D 20 -7.87 -16.15 2.53
CA LEU D 20 -6.92 -15.05 2.72
C LEU D 20 -5.98 -14.93 1.52
N ALA D 21 -5.68 -16.04 0.85
CA ALA D 21 -4.85 -15.96 -0.35
C ALA D 21 -5.61 -15.33 -1.49
N ALA D 22 -6.89 -15.65 -1.63
CA ALA D 22 -7.72 -14.95 -2.61
C ALA D 22 -7.81 -13.46 -2.29
N LEU D 23 -8.10 -13.14 -1.03
CA LEU D 23 -8.14 -11.74 -0.60
C LEU D 23 -6.82 -11.05 -0.93
N GLU D 24 -5.71 -11.71 -0.58
CA GLU D 24 -4.40 -11.13 -0.85
C GLU D 24 -4.22 -10.88 -2.34
N THR D 25 -4.53 -11.88 -3.17
CA THR D 25 -4.32 -11.74 -4.62
C THR D 25 -5.29 -10.73 -5.23
N PHE D 26 -6.56 -10.73 -4.75
CA PHE D 26 -7.54 -9.77 -5.25
C PHE D 26 -7.10 -8.35 -5.00
N TYR D 27 -6.45 -8.13 -3.86
CA TYR D 27 -6.04 -6.79 -3.47
C TYR D 27 -4.86 -6.31 -4.32
N ARG D 28 -3.96 -7.22 -4.69
CA ARG D 28 -2.77 -6.84 -5.46
C ARG D 28 -3.03 -6.74 -6.96
N LYS D 29 -4.04 -7.43 -7.51
CA LYS D 29 -4.28 -7.41 -8.95
C LYS D 29 -5.71 -7.11 -9.37
N GLY D 30 -6.67 -7.05 -8.45
CA GLY D 30 -8.06 -6.95 -8.83
C GLY D 30 -8.66 -8.31 -9.13
N ILE D 31 -9.98 -8.34 -9.13
CA ILE D 31 -10.67 -9.62 -9.28
C ILE D 31 -10.55 -10.16 -10.70
N ALA D 32 -10.55 -9.29 -11.69
CA ALA D 32 -10.61 -9.74 -13.08
C ALA D 32 -9.32 -10.41 -13.52
N ARG D 33 -8.16 -9.87 -13.11
CA ARG D 33 -6.87 -10.40 -13.51
C ARG D 33 -6.42 -11.58 -12.66
N THR D 34 -7.01 -11.75 -11.47
CA THR D 34 -6.69 -12.90 -10.63
C THR D 34 -7.24 -14.17 -11.27
N SER D 35 -6.40 -15.20 -11.35
CA SER D 35 -6.84 -16.54 -11.73
C SER D 35 -6.78 -17.46 -10.51
N LEU D 36 -7.55 -18.55 -10.59
CA LEU D 36 -7.50 -19.58 -9.56
C LEU D 36 -6.08 -20.13 -9.41
N ASN D 37 -5.37 -20.29 -10.51
CA ASN D 37 -3.98 -20.78 -10.44
C ASN D 37 -3.15 -19.94 -9.51
N GLU D 38 -3.21 -18.62 -9.66
CA GLU D 38 -2.43 -17.74 -8.79
C GLU D 38 -2.89 -17.83 -7.35
N ILE D 39 -4.18 -18.08 -7.12
CA ILE D 39 -4.66 -18.19 -5.75
C ILE D 39 -4.12 -19.45 -5.11
N ALA D 40 -4.13 -20.56 -5.84
CA ALA D 40 -3.60 -21.80 -5.29
C ALA D 40 -2.14 -21.65 -4.93
N GLN D 41 -1.35 -21.05 -5.82
CA GLN D 41 0.06 -20.77 -5.53
C GLN D 41 0.20 -19.95 -4.25
N ALA D 42 -0.47 -18.81 -4.21
CA ALA D 42 -0.38 -17.93 -3.05
C ALA D 42 -0.65 -18.69 -1.78
N ALA D 43 -1.57 -19.67 -1.82
CA ALA D 43 -1.88 -20.50 -0.67
C ALA D 43 -1.02 -21.75 -0.61
N GLY D 44 -0.13 -21.95 -1.57
CA GLY D 44 0.70 -23.14 -1.63
C GLY D 44 -0.07 -24.43 -1.60
N VAL D 45 -1.14 -24.54 -2.40
CA VAL D 45 -1.87 -25.79 -2.54
C VAL D 45 -2.09 -26.07 -4.04
N THR D 46 -2.51 -27.30 -4.32
CA THR D 46 -2.73 -27.70 -5.70
C THR D 46 -4.04 -27.13 -6.23
N ARG D 47 -4.11 -27.03 -7.57
CA ARG D 47 -5.36 -26.61 -8.21
C ARG D 47 -6.52 -27.47 -7.72
N GLY D 48 -6.31 -28.78 -7.61
CA GLY D 48 -7.39 -29.67 -7.22
C GLY D 48 -7.82 -29.48 -5.78
N ALA D 49 -6.86 -29.23 -4.89
CA ALA D 49 -7.20 -29.00 -3.49
C ALA D 49 -8.00 -27.70 -3.31
N LEU D 50 -7.63 -26.65 -4.05
CA LEU D 50 -8.44 -25.43 -4.02
C LEU D 50 -9.85 -25.69 -4.53
N TYR D 51 -9.96 -26.42 -5.64
CA TYR D 51 -11.24 -26.64 -6.27
C TYR D 51 -12.19 -27.43 -5.37
N TRP D 52 -11.65 -28.32 -4.51
CA TRP D 52 -12.50 -29.05 -3.57
C TRP D 52 -13.33 -28.10 -2.72
N HIS D 53 -12.67 -27.05 -2.19
CA HIS D 53 -13.33 -26.10 -1.29
C HIS D 53 -14.07 -24.99 -2.03
N PHE D 54 -13.53 -24.49 -3.13
CA PHE D 54 -14.11 -23.34 -3.84
C PHE D 54 -14.14 -23.64 -5.32
N LYS D 55 -15.34 -23.63 -5.90
CA LYS D 55 -15.49 -23.97 -7.32
C LYS D 55 -14.81 -22.93 -8.22
N ASN D 56 -14.80 -21.65 -7.81
CA ASN D 56 -14.37 -20.58 -8.70
C ASN D 56 -14.13 -19.34 -7.85
N LYS D 57 -13.76 -18.24 -8.53
CA LYS D 57 -13.46 -16.97 -7.85
C LYS D 57 -14.71 -16.37 -7.22
N GLU D 58 -15.85 -16.50 -7.92
CA GLU D 58 -17.14 -16.14 -7.38
C GLU D 58 -17.32 -16.70 -5.97
N ASP D 59 -17.09 -18.02 -5.84
CA ASP D 59 -17.29 -18.70 -4.56
C ASP D 59 -16.36 -18.14 -3.49
N LEU D 60 -15.11 -17.83 -3.87
CA LEU D 60 -14.17 -17.23 -2.91
C LEU D 60 -14.60 -15.83 -2.53
N PHE D 61 -14.99 -15.02 -3.52
CA PHE D 61 -15.46 -13.68 -3.22
C PHE D 61 -16.66 -13.73 -2.28
N ASP D 62 -17.59 -14.62 -2.56
CA ASP D 62 -18.78 -14.78 -1.71
C ASP D 62 -18.38 -15.05 -0.27
N ALA D 63 -17.48 -16.03 -0.07
CA ALA D 63 -17.03 -16.37 1.27
C ALA D 63 -16.35 -15.19 1.95
N LEU D 64 -15.57 -14.42 1.19
CA LEU D 64 -14.92 -13.23 1.77
C LEU D 64 -15.96 -12.22 2.23
N PHE D 65 -16.90 -11.86 1.35
CA PHE D 65 -18.03 -11.02 1.78
C PHE D 65 -18.70 -11.58 3.02
N GLN D 66 -18.92 -12.90 3.07
CA GLN D 66 -19.62 -13.49 4.21
C GLN D 66 -18.81 -13.32 5.50
N ARG D 67 -17.48 -13.42 5.42
CA ARG D 67 -16.68 -13.17 6.62
C ARG D 67 -16.83 -11.74 7.11
N ILE D 68 -16.79 -10.78 6.18
CA ILE D 68 -16.93 -9.38 6.58
C ILE D 68 -18.27 -9.20 7.28
N CYS D 69 -19.33 -9.73 6.68
CA CYS D 69 -20.66 -9.57 7.27
C CYS D 69 -20.77 -10.30 8.62
N ASP D 70 -20.16 -11.47 8.76
CA ASP D 70 -20.16 -12.14 10.06
C ASP D 70 -19.38 -11.35 11.12
N ASP D 71 -18.23 -10.79 10.75
CA ASP D 71 -17.49 -9.97 11.70
C ASP D 71 -18.37 -8.86 12.25
N ILE D 72 -19.15 -8.22 11.38
CA ILE D 72 -19.97 -7.08 11.79
C ILE D 72 -21.16 -7.55 12.63
N GLU D 73 -21.80 -8.66 12.25
CA GLU D 73 -22.91 -9.18 13.03
C GLU D 73 -22.47 -9.62 14.41
N ASN D 74 -21.35 -10.34 14.49
CA ASN D 74 -20.83 -10.83 15.77
C ASN D 74 -20.55 -9.67 16.74
N CYS D 75 -19.94 -8.57 16.26
CA CYS D 75 -19.64 -7.47 17.17
C CYS D 75 -20.90 -6.71 17.62
N ILE D 76 -21.98 -6.78 16.84
CA ILE D 76 -23.19 -6.03 17.14
C ILE D 76 -24.09 -6.78 18.13
N GLY D 85 -27.55 1.53 26.21
CA GLY D 85 -28.65 0.94 25.45
C GLY D 85 -29.37 1.96 24.57
N GLY D 86 -30.26 1.47 23.72
CA GLY D 86 -31.02 2.34 22.85
C GLY D 86 -31.44 1.75 21.51
N SER D 87 -30.69 0.74 21.03
CA SER D 87 -30.98 0.01 19.79
C SER D 87 -30.74 0.90 18.56
N TRP D 88 -31.51 1.98 18.45
CA TRP D 88 -31.12 3.06 17.57
C TRP D 88 -29.76 3.62 17.97
N THR D 89 -29.42 3.54 19.26
CA THR D 89 -28.05 3.82 19.70
C THR D 89 -27.08 2.78 19.15
N VAL D 90 -27.51 1.52 19.10
CA VAL D 90 -26.63 0.43 18.68
C VAL D 90 -26.28 0.58 17.20
N PHE D 91 -27.22 1.09 16.40
CA PHE D 91 -26.96 1.37 15.00
C PHE D 91 -25.81 2.36 14.85
N ARG D 92 -25.86 3.45 15.62
CA ARG D 92 -24.79 4.46 15.59
C ARG D 92 -23.44 3.84 15.86
N HIS D 93 -23.34 3.11 16.96
CA HIS D 93 -22.08 2.48 17.33
C HIS D 93 -21.60 1.51 16.26
N THR D 94 -22.53 0.79 15.63
CA THR D 94 -22.12 -0.17 14.60
C THR D 94 -21.50 0.55 13.41
N LEU D 95 -22.06 1.69 13.03
CA LEU D 95 -21.50 2.50 11.96
C LEU D 95 -20.13 3.04 12.36
N LEU D 96 -20.03 3.60 13.57
CA LEU D 96 -18.74 4.11 14.02
C LEU D 96 -17.69 3.01 14.01
N HIS D 97 -18.00 1.84 14.56
CA HIS D 97 -16.99 0.78 14.57
C HIS D 97 -16.71 0.21 13.18
N PHE D 98 -17.62 0.37 12.22
CA PHE D 98 -17.32 -0.10 10.88
C PHE D 98 -16.12 0.67 10.33
N PHE D 99 -16.13 1.99 10.48
CA PHE D 99 -15.09 2.82 9.90
C PHE D 99 -13.80 2.71 10.70
N GLU D 100 -13.88 2.59 12.02
CA GLU D 100 -12.70 2.20 12.79
C GLU D 100 -12.10 0.91 12.28
N ARG D 101 -12.94 -0.08 11.94
CA ARG D 101 -12.44 -1.36 11.43
C ARG D 101 -11.69 -1.20 10.11
N LEU D 102 -12.15 -0.31 9.22
CA LEU D 102 -11.42 -0.09 7.97
C LEU D 102 -10.00 0.40 8.21
N GLN D 103 -9.76 1.07 9.33
CA GLN D 103 -8.41 1.54 9.62
C GLN D 103 -7.58 0.45 10.27
N SER D 104 -8.14 -0.24 11.26
CA SER D 104 -7.38 -1.12 12.14
C SER D 104 -7.35 -2.57 11.69
N ASN D 105 -8.30 -3.03 10.88
CA ASN D 105 -8.44 -4.44 10.52
C ASN D 105 -8.03 -4.61 9.07
N ASP D 106 -6.98 -5.39 8.83
CA ASP D 106 -6.40 -5.46 7.50
C ASP D 106 -7.29 -6.22 6.52
N ILE D 107 -8.06 -7.18 7.00
CA ILE D 107 -8.96 -7.91 6.12
C ILE D 107 -10.13 -7.03 5.69
N HIS D 108 -10.66 -6.24 6.62
CA HIS D 108 -11.73 -5.31 6.26
C HIS D 108 -11.22 -4.15 5.42
N TYR D 109 -9.98 -3.74 5.63
CA TYR D 109 -9.39 -2.71 4.76
C TYR D 109 -9.30 -3.22 3.32
N LYS D 110 -8.63 -4.35 3.14
CA LYS D 110 -8.42 -4.90 1.80
C LYS D 110 -9.73 -5.27 1.11
N PHE D 111 -10.66 -5.91 1.85
CA PHE D 111 -11.91 -6.32 1.22
C PHE D 111 -12.68 -5.13 0.67
N HIS D 112 -12.83 -4.09 1.47
CA HIS D 112 -13.56 -2.93 0.99
C HIS D 112 -12.73 -2.17 -0.04
N ASN D 113 -11.41 -2.23 0.04
CA ASN D 113 -10.60 -1.67 -1.03
C ASN D 113 -10.89 -2.38 -2.34
N ILE D 114 -10.90 -3.71 -2.31
CA ILE D 114 -11.23 -4.49 -3.50
C ILE D 114 -12.63 -4.16 -3.99
N LEU D 115 -13.59 -4.09 -3.07
CA LEU D 115 -14.99 -3.94 -3.45
C LEU D 115 -15.21 -2.61 -4.17
N PHE D 116 -14.51 -1.58 -3.75
CA PHE D 116 -14.73 -0.23 -4.27
C PHE D 116 -13.78 0.13 -5.40
N LEU D 117 -12.55 -0.38 -5.40
CA LEU D 117 -11.50 0.05 -6.32
C LEU D 117 -11.01 -1.02 -7.30
N LYS D 118 -11.28 -2.32 -7.04
CA LYS D 118 -10.67 -3.39 -7.83
C LYS D 118 -11.69 -4.39 -8.38
N CYS D 119 -12.92 -3.96 -8.58
CA CYS D 119 -13.99 -4.85 -8.98
C CYS D 119 -14.71 -4.22 -10.16
N GLU D 120 -14.04 -4.18 -11.30
CA GLU D 120 -14.57 -3.52 -12.50
C GLU D 120 -15.92 -4.13 -12.86
N HIS D 121 -16.86 -3.31 -13.32
CA HIS D 121 -18.20 -3.79 -13.67
C HIS D 121 -18.28 -4.16 -15.16
N THR D 122 -17.39 -5.05 -15.55
CA THR D 122 -17.36 -5.60 -16.89
C THR D 122 -18.09 -6.95 -16.93
N GLU D 123 -17.94 -7.65 -18.05
CA GLU D 123 -18.67 -8.88 -18.24
C GLU D 123 -17.97 -10.06 -17.58
N GLN D 124 -16.63 -10.09 -17.61
CA GLN D 124 -15.92 -11.13 -16.89
C GLN D 124 -16.29 -11.15 -15.41
N ASN D 125 -16.49 -9.98 -14.81
CA ASN D 125 -16.77 -9.90 -13.39
C ASN D 125 -18.27 -9.99 -13.12
N ALA D 126 -19.08 -10.33 -14.11
CA ALA D 126 -20.53 -10.23 -13.93
C ALA D 126 -21.05 -11.11 -12.79
N ALA D 127 -20.48 -12.31 -12.63
CA ALA D 127 -20.95 -13.20 -11.58
C ALA D 127 -20.55 -12.69 -10.20
N VAL D 128 -19.32 -12.17 -10.08
CA VAL D 128 -18.90 -11.56 -8.83
C VAL D 128 -19.82 -10.39 -8.46
N ILE D 129 -20.22 -9.60 -9.45
CA ILE D 129 -21.03 -8.43 -9.10
C ILE D 129 -22.40 -8.86 -8.66
N ALA D 130 -22.91 -9.97 -9.22
CA ALA D 130 -24.17 -10.53 -8.72
C ALA D 130 -24.03 -11.00 -7.27
N ILE D 131 -22.88 -11.59 -6.92
CA ILE D 131 -22.61 -11.90 -5.51
C ILE D 131 -22.70 -10.64 -4.67
N ALA D 132 -22.05 -9.56 -5.11
CA ALA D 132 -22.07 -8.32 -4.34
C ALA D 132 -23.49 -7.78 -4.19
N ARG D 133 -24.25 -7.74 -5.28
CA ARG D 133 -25.63 -7.29 -5.19
C ARG D 133 -26.41 -8.12 -4.17
N LYS D 134 -26.18 -9.43 -4.17
CA LYS D 134 -26.84 -10.29 -3.20
C LYS D 134 -26.54 -9.83 -1.78
N HIS D 135 -25.27 -9.61 -1.45
CA HIS D 135 -24.95 -9.16 -0.09
C HIS D 135 -25.43 -7.73 0.15
N GLN D 136 -25.45 -6.87 -0.87
CA GLN D 136 -26.00 -5.53 -0.66
C GLN D 136 -27.49 -5.59 -0.37
N ALA D 137 -28.23 -6.48 -1.05
CA ALA D 137 -29.65 -6.62 -0.75
C ALA D 137 -29.87 -7.00 0.71
N ILE D 138 -29.05 -7.92 1.23
CA ILE D 138 -29.16 -8.34 2.62
C ILE D 138 -28.92 -7.15 3.54
N TRP D 139 -27.91 -6.33 3.23
CA TRP D 139 -27.65 -5.10 4.00
C TRP D 139 -28.84 -4.14 3.93
N ARG D 140 -29.51 -4.08 2.78
CA ARG D 140 -30.64 -3.16 2.67
C ARG D 140 -31.78 -3.59 3.58
N GLU D 141 -32.14 -4.88 3.52
CA GLU D 141 -33.22 -5.39 4.36
C GLU D 141 -32.93 -5.16 5.84
N LYS D 142 -31.66 -5.32 6.24
CA LYS D 142 -31.32 -5.15 7.65
C LYS D 142 -31.39 -3.69 8.08
N ILE D 143 -30.97 -2.76 7.21
CA ILE D 143 -31.15 -1.33 7.50
C ILE D 143 -32.64 -1.00 7.60
N THR D 144 -33.43 -1.49 6.64
CA THR D 144 -34.87 -1.28 6.68
C THR D 144 -35.49 -1.71 8.01
N ALA D 145 -35.01 -2.84 8.57
CA ALA D 145 -35.59 -3.33 9.81
C ALA D 145 -35.22 -2.42 10.97
N VAL D 146 -33.97 -1.91 10.98
CA VAL D 146 -33.55 -0.95 12.00
C VAL D 146 -34.43 0.30 11.98
N LEU D 147 -34.65 0.85 10.79
CA LEU D 147 -35.54 2.01 10.69
C LEU D 147 -36.94 1.66 11.15
N THR D 148 -37.36 0.41 10.95
CA THR D 148 -38.70 0.01 11.39
C THR D 148 -38.78 -0.01 12.91
N GLU D 149 -37.80 -0.64 13.57
CA GLU D 149 -37.79 -0.66 15.04
C GLU D 149 -37.62 0.73 15.63
N ALA D 150 -36.73 1.56 15.05
CA ALA D 150 -36.51 2.88 15.61
C ALA D 150 -37.76 3.75 15.53
N VAL D 151 -38.60 3.53 14.51
CA VAL D 151 -39.84 4.30 14.40
C VAL D 151 -40.83 3.84 15.46
N GLU D 152 -40.93 2.53 15.68
CA GLU D 152 -41.80 2.02 16.74
C GLU D 152 -41.35 2.53 18.10
N ASN D 153 -40.04 2.58 18.34
CA ASN D 153 -39.46 3.06 19.59
C ASN D 153 -39.55 4.58 19.76
N GLN D 154 -39.95 5.32 18.71
CA GLN D 154 -40.12 6.77 18.68
C GLN D 154 -38.79 7.52 18.61
N ASP D 155 -37.68 6.82 18.36
CA ASP D 155 -36.40 7.47 18.09
C ASP D 155 -36.45 8.24 16.76
N LEU D 156 -37.11 7.66 15.76
CA LEU D 156 -37.36 8.32 14.49
C LEU D 156 -38.81 8.76 14.44
N ALA D 157 -39.09 9.72 13.56
CA ALA D 157 -40.46 10.21 13.48
C ALA D 157 -41.38 9.15 12.93
N ASP D 158 -42.68 9.37 13.14
CA ASP D 158 -43.68 8.40 12.75
C ASP D 158 -43.88 8.34 11.24
N ASP D 159 -43.69 9.47 10.53
CA ASP D 159 -43.90 9.51 9.09
C ASP D 159 -42.59 9.57 8.30
N LEU D 160 -41.53 8.98 8.85
CA LEU D 160 -40.26 8.89 8.14
C LEU D 160 -40.40 8.10 6.84
N ASP D 161 -39.88 8.65 5.75
CA ASP D 161 -39.87 7.95 4.48
C ASP D 161 -38.74 6.93 4.50
N LYS D 162 -39.08 5.67 4.79
CA LYS D 162 -38.08 4.63 4.95
C LYS D 162 -37.32 4.37 3.67
N GLU D 163 -38.03 4.32 2.53
CA GLU D 163 -37.39 3.95 1.26
C GLU D 163 -36.38 5.01 0.82
N THR D 164 -36.66 6.30 1.08
CA THR D 164 -35.64 7.32 0.84
C THR D 164 -34.55 7.25 1.90
N ALA D 165 -34.94 6.95 3.16
CA ALA D 165 -33.96 6.94 4.24
C ALA D 165 -32.90 5.86 4.04
N VAL D 166 -33.27 4.72 3.44
CA VAL D 166 -32.29 3.66 3.24
C VAL D 166 -31.33 4.01 2.11
N ILE D 167 -31.84 4.57 1.01
CA ILE D 167 -30.96 5.10 -0.03
C ILE D 167 -30.04 6.15 0.57
N PHE D 168 -30.60 7.02 1.39
CA PHE D 168 -29.83 8.08 2.05
C PHE D 168 -28.71 7.51 2.91
N ILE D 169 -29.03 6.54 3.77
CA ILE D 169 -28.00 5.92 4.62
C ILE D 169 -26.93 5.26 3.77
N LYS D 170 -27.33 4.52 2.74
CA LYS D 170 -26.33 3.77 1.99
C LYS D 170 -25.44 4.69 1.17
N SER D 171 -26.01 5.72 0.53
CA SER D 171 -25.17 6.59 -0.28
C SER D 171 -24.27 7.46 0.59
N THR D 172 -24.77 7.88 1.75
CA THR D 172 -23.91 8.53 2.73
C THR D 172 -22.68 7.70 3.04
N LEU D 173 -22.89 6.43 3.39
CA LEU D 173 -21.78 5.55 3.77
C LEU D 173 -20.93 5.18 2.56
N ASP D 174 -21.55 4.85 1.42
CA ASP D 174 -20.78 4.58 0.20
C ASP D 174 -19.90 5.78 -0.16
N GLY D 175 -20.43 7.00 -0.04
CA GLY D 175 -19.68 8.17 -0.48
C GLY D 175 -18.44 8.38 0.34
N LEU D 176 -18.54 8.17 1.65
CA LEU D 176 -17.37 8.28 2.51
C LEU D 176 -16.35 7.21 2.16
N ILE D 177 -16.79 5.96 2.01
CA ILE D 177 -15.86 4.89 1.67
C ILE D 177 -15.23 5.16 0.32
N TRP D 178 -16.06 5.44 -0.68
CA TRP D 178 -15.52 5.74 -2.00
C TRP D 178 -14.53 6.91 -1.94
N ARG D 179 -14.89 7.97 -1.22
CA ARG D 179 -14.04 9.15 -1.14
C ARG D 179 -12.73 8.82 -0.46
N TRP D 180 -12.78 8.02 0.62
CA TRP D 180 -11.56 7.72 1.35
C TRP D 180 -10.61 6.87 0.51
N PHE D 181 -11.14 5.81 -0.11
CA PHE D 181 -10.27 4.92 -0.88
C PHE D 181 -9.81 5.58 -2.17
N SER D 182 -10.71 6.27 -2.88
CA SER D 182 -10.35 6.80 -4.19
C SER D 182 -9.40 7.99 -4.10
N SER D 183 -9.38 8.69 -2.98
CA SER D 183 -8.42 9.75 -2.77
C SER D 183 -7.08 9.23 -2.26
N GLY D 184 -6.86 7.92 -2.28
CA GLY D 184 -5.67 7.35 -1.63
C GLY D 184 -5.57 7.62 -0.14
N GLU D 185 -6.69 7.55 0.58
CA GLU D 185 -6.72 7.76 2.03
C GLU D 185 -6.09 9.10 2.44
N SER D 186 -6.44 10.15 1.69
CA SER D 186 -5.80 11.45 1.83
C SER D 186 -6.35 12.28 2.98
N PHE D 187 -7.41 11.86 3.65
CA PHE D 187 -7.85 12.56 4.84
C PHE D 187 -7.96 11.58 6.00
N ASP D 188 -8.14 12.13 7.19
CA ASP D 188 -8.13 11.33 8.41
C ASP D 188 -9.53 10.76 8.65
N LEU D 189 -9.71 9.47 8.32
CA LEU D 189 -11.04 8.84 8.44
C LEU D 189 -11.51 8.74 9.89
N GLY D 190 -10.59 8.63 10.84
CA GLY D 190 -11.00 8.57 12.24
C GLY D 190 -11.62 9.87 12.75
N LYS D 191 -11.24 11.01 12.16
CA LYS D 191 -11.87 12.27 12.52
C LYS D 191 -13.06 12.61 11.63
N THR D 192 -13.05 12.10 10.40
CA THR D 192 -14.09 12.46 9.46
C THR D 192 -15.32 11.55 9.54
N ALA D 193 -15.13 10.26 9.76
CA ALA D 193 -16.28 9.35 9.79
C ALA D 193 -17.26 9.69 10.90
N PRO D 194 -16.85 9.96 12.15
CA PRO D 194 -17.86 10.32 13.18
C PRO D 194 -18.65 11.57 12.88
N ARG D 195 -18.09 12.60 12.23
CA ARG D 195 -18.94 13.79 12.01
C ARG D 195 -19.86 13.58 10.82
N ILE D 196 -19.43 12.84 9.80
CA ILE D 196 -20.34 12.41 8.74
C ILE D 196 -21.50 11.61 9.32
N ILE D 197 -21.21 10.68 10.23
CA ILE D 197 -22.27 9.81 10.76
C ILE D 197 -23.18 10.62 11.67
N GLY D 198 -22.59 11.46 12.53
CA GLY D 198 -23.42 12.34 13.34
C GLY D 198 -24.39 13.15 12.52
N ILE D 199 -23.88 13.83 11.48
CA ILE D 199 -24.72 14.68 10.65
C ILE D 199 -25.86 13.89 10.01
N MSE D 200 -25.56 12.68 9.54
CA MSE D 200 -26.55 11.85 8.86
C MSE D 200 -27.57 11.42 9.91
O MSE D 200 -28.78 11.43 9.65
CB MSE D 200 -25.87 10.64 8.19
CG MSE D 200 -26.79 9.51 7.70
SE MSE D 200 -25.86 7.77 7.57
CE MSE D 200 -26.13 7.19 9.43
N MSE D 201 -27.09 11.06 11.10
CA MSE D 201 -27.98 10.65 12.21
C MSE D 201 -28.98 11.78 12.52
O MSE D 201 -30.19 11.54 12.64
CB MSE D 201 -27.20 10.31 13.49
CG MSE D 201 -26.54 8.88 13.68
SE MSE D 201 -27.52 7.33 13.01
CE MSE D 201 -27.55 6.14 14.59
N ASP D 202 -28.47 13.02 12.65
CA ASP D 202 -29.34 14.18 12.85
C ASP D 202 -30.34 14.33 11.71
N ASN D 203 -29.87 14.25 10.46
CA ASN D 203 -30.77 14.40 9.34
C ASN D 203 -31.90 13.37 9.39
N LEU D 204 -31.59 12.13 9.76
CA LEU D 204 -32.61 11.08 9.83
C LEU D 204 -33.67 11.43 10.85
N GLU D 205 -33.24 11.87 12.03
CA GLU D 205 -34.19 12.25 13.07
C GLU D 205 -34.99 13.50 12.69
N ASN D 206 -34.32 14.52 12.10
CA ASN D 206 -34.92 15.86 12.03
C ASN D 206 -35.21 16.40 10.64
N HIS D 207 -34.53 15.97 9.58
CA HIS D 207 -34.72 16.71 8.33
C HIS D 207 -36.06 16.34 7.68
N PRO D 208 -36.84 17.32 7.25
CA PRO D 208 -38.14 17.02 6.62
C PRO D 208 -38.04 16.50 5.18
N CYS D 209 -36.88 16.59 4.51
CA CYS D 209 -36.76 15.94 3.21
C CYS D 209 -36.85 14.41 3.35
N LEU D 210 -36.56 13.88 4.53
CA LEU D 210 -36.68 12.45 4.77
C LEU D 210 -38.04 12.06 5.34
N ARG D 211 -39.12 12.75 4.97
CA ARG D 211 -40.45 12.39 5.46
C ARG D 211 -41.44 12.32 4.29
N ARG D 212 -42.47 11.51 4.48
CA ARG D 212 -43.47 11.25 3.44
C ARG D 212 -44.36 12.47 3.19
C1 TES E . 9.24 -1.34 17.35
C2 TES E . 8.80 -0.53 18.58
C3 TES E . 9.67 -0.78 19.76
O3 TES E . 9.26 -0.62 20.90
C4 TES E . 11.01 -1.21 19.49
C5 TES E . 11.57 -1.16 18.28
C6 TES E . 13.06 -1.36 18.13
C7 TES E . 13.39 -2.56 17.28
C8 TES E . 12.67 -2.50 15.95
C9 TES E . 11.16 -2.34 16.09
C10 TES E . 10.74 -1.16 17.00
C11 TES E . 10.47 -2.31 14.76
C12 TES E . 10.84 -3.50 13.87
C13 TES E . 12.35 -3.63 13.69
C14 TES E . 12.96 -3.72 15.10
C15 TES E . 14.40 -4.14 14.84
C16 TES E . 14.31 -5.07 13.61
C17 TES E . 12.84 -4.94 13.12
O17 TES E . 12.78 -5.03 11.70
C18 TES E . 12.91 -2.44 12.89
C19 TES E . 10.93 0.18 16.31
P PO4 F . 5.10 -4.88 8.10
O1 PO4 F . 4.11 -5.22 9.20
O2 PO4 F . 4.77 -5.65 6.84
O3 PO4 F . 5.05 -3.41 7.80
O4 PO4 F . 6.49 -5.30 8.57
P PO4 G . 30.86 -1.56 2.17
O1 PO4 G . 31.37 -1.12 3.51
O2 PO4 G . 29.57 -2.34 2.35
O3 PO4 G . 30.62 -0.32 1.33
O4 PO4 G . 31.89 -2.44 1.47
C1 TES H . 25.37 3.41 -6.10
C2 TES H . 25.50 4.57 -7.11
C3 TES H . 24.50 4.52 -8.22
O3 TES H . 24.57 5.27 -9.19
C4 TES H . 23.44 3.55 -8.11
C5 TES H . 23.07 3.01 -6.95
C6 TES H . 21.72 2.35 -6.84
C7 TES H . 21.81 1.00 -6.16
C8 TES H . 22.51 1.09 -4.83
C9 TES H . 23.90 1.74 -4.94
C10 TES H . 23.91 3.11 -5.70
C11 TES H . 24.58 1.81 -3.60
C12 TES H . 24.67 0.44 -2.90
C13 TES H . 23.30 -0.22 -2.74
C14 TES H . 22.65 -0.27 -4.15
C15 TES H . 21.42 -1.13 -3.91
C16 TES H . 21.94 -2.25 -2.95
C17 TES H . 23.29 -1.72 -2.41
O17 TES H . 23.45 -2.02 -1.02
C18 TES H . 22.43 0.55 -1.74
C19 TES H . 23.38 4.25 -4.83
P PO4 I . 27.29 -33.94 -17.99
O1 PO4 I . 27.32 -33.81 -16.48
O2 PO4 I . 27.05 -35.37 -18.39
O3 PO4 I . 28.64 -33.52 -18.57
O4 PO4 I . 26.19 -33.05 -18.49
C1 TES J . -17.52 20.44 -8.71
C2 TES J . -18.05 21.85 -8.98
C3 TES J . -18.91 21.91 -10.17
O3 TES J . -18.93 22.91 -10.89
C4 TES J . -19.69 20.73 -10.47
C5 TES J . -19.70 19.63 -9.72
C6 TES J . -20.60 18.49 -10.07
C7 TES J . -19.83 17.22 -10.37
C8 TES J . -18.94 16.85 -9.20
C9 TES J . -17.98 17.97 -8.84
C10 TES J . -18.64 19.36 -8.62
C11 TES J . -17.06 17.58 -7.70
C12 TES J . -16.33 16.25 -7.96
C13 TES J . -17.30 15.13 -8.24
C14 TES J . -18.16 15.57 -9.45
C15 TES J . -18.89 14.28 -9.85
C16 TES J . -17.89 13.13 -9.49
C17 TES J . -16.70 13.83 -8.81
O17 TES J . -16.11 13.00 -7.86
C18 TES J . -18.14 14.81 -7.00
C19 TES J . -19.32 19.46 -7.27
P PO4 K . -9.38 15.30 -3.68
O1 PO4 K . -8.47 14.93 -2.52
O2 PO4 K . -9.84 14.05 -4.42
O3 PO4 K . -10.56 16.08 -3.12
O4 PO4 K . -8.64 16.21 -4.63
C1 TES L . -25.59 -2.33 6.91
C2 TES L . -26.12 -2.39 8.34
C3 TES L . -25.06 -2.66 9.33
O3 TES L . -25.30 -3.28 10.35
C4 TES L . -23.73 -2.18 9.03
C5 TES L . -23.38 -1.63 7.86
C6 TES L . -22.00 -1.04 7.68
C7 TES L . -21.44 -1.30 6.29
C8 TES L . -22.41 -0.90 5.20
C9 TES L . -23.75 -1.60 5.37
C10 TES L . -24.39 -1.35 6.76
C11 TES L . -24.70 -1.27 4.24
C12 TES L . -24.11 -1.53 2.85
C13 TES L . -22.81 -0.76 2.66
C14 TES L . -21.85 -1.18 3.80
C15 TES L . -20.52 -0.57 3.37
C16 TES L . -20.55 -0.64 1.81
C17 TES L . -21.95 -1.18 1.46
O17 TES L . -22.40 -0.67 0.20
C18 TES L . -23.07 0.75 2.63
C19 TES L . -24.88 0.07 6.93
P PO4 M . -29.44 -2.17 -2.93
O1 PO4 M . -29.94 -3.51 -2.46
O2 PO4 M . -27.94 -2.26 -3.15
O3 PO4 M . -29.80 -1.15 -1.88
O4 PO4 M . -30.14 -1.82 -4.22
#